data_1UJW
#
_entry.id   1UJW
#
_cell.length_a   76.933
_cell.length_b   80.098
_cell.length_c   233.595
_cell.angle_alpha   90.00
_cell.angle_beta   90.00
_cell.angle_gamma   90.00
#
_symmetry.space_group_name_H-M   'P 21 21 21'
#
loop_
_entity.id
_entity.type
_entity.pdbx_description
1 polymer 'Vitamin B12 receptor'
2 polymer 'Colicin E3'
3 non-polymer 2-amino-2-deoxy-1-O-phosphono-alpha-D-glucopyranose
4 non-polymer '3-OXO-PENTADECANOIC ACID'
5 non-polymer 'LAURYL DIMETHYLAMINE-N-OXIDE'
6 non-polymer 'ACETOACETIC ACID'
7 non-polymer GLYCEROL
8 water water
#
loop_
_entity_poly.entity_id
_entity_poly.type
_entity_poly.pdbx_seq_one_letter_code
_entity_poly.pdbx_strand_id
1 'polypeptide(L)'
;QDTSPDTLVVTANRFEQPRSTVLAPTTVVTRQDIDRWQSTSVNDVLRRLPGVDITQNGGSGQLSSIFIRGTNASHVLVLI
DGVRLNLAGVSGSADLSQFPIALVQRVEYIRGPRSAVYGSDAIGGVVNIITTRDEPGTEISAGWGSNSYQNYDVSTQQQL
GDKTRVTLLGDYAHTHGYDVVAYGNTGTQAQTDNDGFLSKTLYGALEHNFTDAWSGFVRGYGYDNRTNYDAYYSPGSPLL
DTRKLYSQSWDAGLRYNGELIKSQLITSYSHSKDYNYDPHYGRYDSSATLDEMKQYTVQWANNVIVGHGSIGAGVDWQKQ
TTTPGTGYVEDGYDQRNTGIYLTGLQQVGDFTFEGAARSDDNSQFGRHGTWQTSAGWEFIEGYRFIASYGTSYKAPNLGQ
LYGFYGNPNLDPEKSKQWEGAFEGLTAGVNWRISGYRNDVSDLIDYDDHTLKYYNEGKARIKGVEATANFDTGPLTHTVS
YDYVDARNAITDTPLLRRAKQQVKYQLDWQLYDFDWGITYQYLGTRYDKDYSSYPYQTVKMGGVSLWDLAVAYPVTSHLT
VRGKIANLFDKDYETVYGYQTAGREYTLSGSYTF
;
A
2 'polypeptide(L)'
;HPVEAAERNYERARAELNQANEDVARNQERQAKAVQVYNSRKSELDAANKTLADAIAEIKQFNRFAHDPMAGGHRMWQMA
GLKAQRAQTDVNNKQAAFDAAAKEKSDADAALSSAMESRKKKEDKKRSAENNLND
;
B
#
loop_
_chem_comp.id
_chem_comp.type
_chem_comp.name
_chem_comp.formula
AAE non-polymer 'ACETOACETIC ACID' 'C4 H6 O3'
GOL non-polymer GLYCEROL 'C3 H8 O3'
GP1 D-saccharide 2-amino-2-deoxy-1-O-phosphono-alpha-D-glucopyranose 'C6 H14 N O8 P'
LDA non-polymer 'LAURYL DIMETHYLAMINE-N-OXIDE' 'C14 H31 N O'
LIM non-polymer '3-OXO-PENTADECANOIC ACID' 'C15 H28 O3'
#
# COMPACT_ATOMS: atom_id res chain seq x y z
N SER A 4 -7.95 25.99 -3.18
CA SER A 4 -7.02 26.72 -2.25
C SER A 4 -5.74 27.23 -3.00
N PRO A 5 -5.93 27.96 -4.11
CA PRO A 5 -4.93 28.07 -5.18
C PRO A 5 -3.91 29.20 -5.01
N ASP A 6 -2.77 29.07 -5.69
CA ASP A 6 -1.61 29.96 -5.49
C ASP A 6 -1.00 29.91 -4.06
N THR A 7 -1.27 28.81 -3.37
CA THR A 7 -0.54 28.50 -2.14
C THR A 7 0.31 27.30 -2.49
N LEU A 8 1.37 27.09 -1.71
CA LEU A 8 2.53 26.31 -2.13
C LEU A 8 2.36 24.79 -2.02
N VAL A 9 3.09 24.09 -2.88
CA VAL A 9 3.24 22.63 -2.83
C VAL A 9 4.67 22.12 -3.08
N VAL A 10 4.92 20.91 -2.65
CA VAL A 10 6.20 20.29 -2.88
C VAL A 10 6.04 18.94 -3.62
N THR A 11 4.81 18.53 -3.93
CA THR A 11 4.68 17.15 -4.31
C THR A 11 4.88 16.87 -5.78
N ALA A 12 4.79 17.89 -6.59
CA ALA A 12 4.88 17.71 -8.01
C ALA A 12 6.31 17.39 -8.46
N ASN A 13 7.25 18.21 -8.05
CA ASN A 13 8.62 18.14 -8.53
C ASN A 13 9.57 18.02 -7.36
N ARG A 14 9.04 17.74 -6.20
CA ARG A 14 9.77 17.65 -4.96
C ARG A 14 10.08 18.96 -4.27
N PHE A 15 10.11 20.07 -4.95
CA PHE A 15 10.50 21.31 -4.33
C PHE A 15 9.38 22.26 -4.36
N GLU A 16 9.49 23.24 -3.49
CA GLU A 16 8.44 24.19 -3.30
C GLU A 16 8.14 24.92 -4.56
N GLN A 17 6.86 24.96 -4.92
CA GLN A 17 6.39 25.67 -6.13
C GLN A 17 4.91 26.11 -6.04
N PRO A 18 4.53 27.25 -6.61
CA PRO A 18 3.15 27.70 -6.47
C PRO A 18 2.27 26.71 -7.17
N ARG A 19 1.12 26.42 -6.59
CA ARG A 19 0.18 25.47 -7.16
C ARG A 19 -0.23 25.82 -8.63
N SER A 20 -0.39 27.12 -8.93
CA SER A 20 -0.60 27.58 -10.32
C SER A 20 0.34 26.83 -11.26
N THR A 21 1.64 27.03 -11.08
CA THR A 21 2.65 26.43 -11.92
C THR A 21 2.56 24.87 -12.12
N VAL A 22 1.77 24.18 -11.31
CA VAL A 22 1.63 22.73 -11.42
C VAL A 22 0.49 22.46 -12.37
N LEU A 23 0.73 21.78 -13.49
CA LEU A 23 -0.33 21.66 -14.46
C LEU A 23 -1.34 20.57 -14.10
N ALA A 24 -0.86 19.48 -13.51
CA ALA A 24 -1.78 18.41 -13.05
C ALA A 24 -2.67 18.90 -11.89
N PRO A 25 -3.87 18.37 -11.76
CA PRO A 25 -4.81 18.91 -10.77
C PRO A 25 -4.38 18.46 -9.39
N THR A 26 -4.32 19.42 -8.47
CA THR A 26 -3.91 19.12 -7.12
C THR A 26 -4.89 19.66 -6.10
N THR A 27 -5.25 18.81 -5.13
CA THR A 27 -6.03 19.25 -4.02
C THR A 27 -5.04 19.35 -2.87
N VAL A 28 -5.24 20.25 -1.92
CA VAL A 28 -4.39 20.33 -0.72
C VAL A 28 -5.25 20.36 0.51
N VAL A 29 -4.98 19.52 1.49
CA VAL A 29 -5.70 19.57 2.73
C VAL A 29 -4.81 20.09 3.86
N THR A 30 -5.35 20.98 4.68
CA THR A 30 -4.60 21.48 5.86
C THR A 30 -5.10 20.97 7.18
N ARG A 31 -4.24 21.14 8.19
CA ARG A 31 -4.56 20.75 9.55
C ARG A 31 -5.74 21.50 9.96
N GLN A 32 -5.83 22.76 9.55
CA GLN A 32 -7.05 23.51 9.84
C GLN A 32 -8.24 22.74 9.22
N ASP A 33 -8.26 22.47 7.92
CA ASP A 33 -9.36 21.67 7.30
C ASP A 33 -9.75 20.39 8.07
N ILE A 34 -8.75 19.60 8.43
CA ILE A 34 -8.98 18.33 9.13
C ILE A 34 -9.70 18.54 10.45
N ASP A 35 -9.34 19.60 11.16
CA ASP A 35 -9.91 19.92 12.47
C ASP A 35 -11.41 20.30 12.39
N ARG A 36 -11.78 20.99 11.32
CA ARG A 36 -13.14 21.43 11.09
C ARG A 36 -14.02 20.24 10.68
N TRP A 37 -13.38 19.28 10.02
CA TRP A 37 -14.09 18.08 9.56
C TRP A 37 -14.14 17.14 10.73
N GLN A 38 -13.26 17.36 11.70
CA GLN A 38 -13.21 16.52 12.88
C GLN A 38 -12.99 15.06 12.48
N SER A 39 -12.22 14.85 11.43
CA SER A 39 -12.04 13.53 10.87
C SER A 39 -11.20 12.72 11.84
N THR A 40 -11.56 11.46 11.97
CA THR A 40 -10.88 10.61 12.95
C THR A 40 -10.04 9.51 12.34
N SER A 41 -9.88 9.56 11.01
CA SER A 41 -8.94 8.74 10.26
C SER A 41 -8.51 9.36 8.88
N VAL A 42 -7.47 8.82 8.30
CA VAL A 42 -6.92 9.34 7.07
C VAL A 42 -7.85 9.10 5.91
N ASN A 43 -8.54 7.94 5.97
CA ASN A 43 -9.53 7.61 4.95
C ASN A 43 -10.58 8.68 4.99
N ASP A 44 -11.00 9.05 6.19
CA ASP A 44 -12.07 10.06 6.31
C ASP A 44 -11.77 11.44 5.70
N VAL A 45 -10.49 11.69 5.48
CA VAL A 45 -10.01 12.89 4.82
C VAL A 45 -9.96 12.73 3.29
N LEU A 46 -9.43 11.61 2.79
CA LEU A 46 -9.20 11.43 1.37
C LEU A 46 -10.50 11.30 0.60
N ARG A 47 -11.33 10.41 1.11
CA ARG A 47 -12.72 10.26 0.76
C ARG A 47 -13.48 11.54 0.30
N ARG A 48 -13.00 12.70 0.77
CA ARG A 48 -13.71 13.96 0.50
C ARG A 48 -13.30 14.62 -0.81
N LEU A 49 -12.24 14.08 -1.42
CA LEU A 49 -11.48 14.76 -2.45
C LEU A 49 -11.68 14.16 -3.85
N PRO A 50 -11.71 15.01 -4.88
CA PRO A 50 -12.12 14.60 -6.21
C PRO A 50 -11.37 13.35 -6.69
N GLY A 51 -12.13 12.52 -7.37
CA GLY A 51 -11.67 11.26 -7.88
C GLY A 51 -11.15 10.28 -6.84
N VAL A 52 -11.59 10.34 -5.60
CA VAL A 52 -11.17 9.33 -4.64
C VAL A 52 -12.29 8.46 -4.19
N ASP A 53 -12.18 7.18 -4.52
CA ASP A 53 -13.22 6.21 -4.25
C ASP A 53 -12.71 5.13 -3.31
N ILE A 54 -13.16 5.13 -2.05
CA ILE A 54 -12.56 4.29 -0.99
C ILE A 54 -13.47 3.18 -0.55
N THR A 55 -12.93 1.98 -0.35
CA THR A 55 -13.69 0.84 0.17
C THR A 55 -13.08 0.35 1.46
N GLN A 56 -13.89 -0.18 2.37
CA GLN A 56 -13.43 -0.59 3.69
C GLN A 56 -14.29 -1.68 4.24
N ASN A 57 -13.70 -2.63 4.98
CA ASN A 57 -14.42 -3.77 5.55
C ASN A 57 -14.89 -3.42 6.95
N GLY A 58 -15.67 -2.35 7.04
CA GLY A 58 -16.18 -1.85 8.28
C GLY A 58 -15.70 -0.45 8.59
N GLY A 59 -15.28 -0.26 9.83
CA GLY A 59 -14.92 1.03 10.35
C GLY A 59 -13.44 1.16 10.54
N SER A 60 -13.08 2.11 11.38
CA SER A 60 -11.68 2.43 11.64
C SER A 60 -10.87 1.18 11.90
N GLY A 61 -9.59 1.23 11.53
CA GLY A 61 -8.70 0.08 11.67
C GLY A 61 -8.89 -1.03 10.62
N GLN A 62 -10.09 -1.19 10.06
CA GLN A 62 -10.35 -2.32 9.19
C GLN A 62 -9.67 -2.17 7.84
N LEU A 63 -9.31 -3.29 7.24
CA LEU A 63 -8.79 -3.38 5.87
C LEU A 63 -9.50 -2.49 4.82
N SER A 64 -8.72 -1.71 4.05
CA SER A 64 -9.32 -0.74 3.11
C SER A 64 -8.47 -0.47 1.87
N SER A 65 -9.12 0.01 0.81
CA SER A 65 -8.44 0.20 -0.47
C SER A 65 -8.93 1.47 -1.16
N ILE A 66 -7.97 2.24 -1.64
CA ILE A 66 -8.22 3.46 -2.34
C ILE A 66 -8.14 3.14 -3.80
N PHE A 67 -9.09 3.63 -4.58
CA PHE A 67 -9.09 3.51 -6.02
C PHE A 67 -9.06 4.93 -6.54
N ILE A 68 -7.91 5.44 -6.99
CA ILE A 68 -7.89 6.81 -7.60
C ILE A 68 -8.17 6.80 -9.11
N ARG A 69 -9.24 7.49 -9.47
CA ARG A 69 -9.65 7.58 -10.86
C ARG A 69 -9.67 6.22 -11.51
N GLY A 70 -10.45 5.33 -10.92
CA GLY A 70 -10.73 4.04 -11.52
C GLY A 70 -9.66 2.99 -11.38
N THR A 71 -8.44 3.42 -11.05
CA THR A 71 -7.31 2.50 -11.07
C THR A 71 -7.38 1.52 -9.89
N ASN A 72 -6.59 0.44 -9.96
CA ASN A 72 -6.59 -0.57 -8.91
C ASN A 72 -6.16 0.05 -7.62
N ALA A 73 -6.46 -0.61 -6.51
CA ALA A 73 -5.95 -0.22 -5.19
C ALA A 73 -4.45 0.04 -5.16
N SER A 74 -3.72 -0.76 -5.93
CA SER A 74 -2.27 -0.71 -5.94
C SER A 74 -1.76 0.34 -6.90
N HIS A 75 -2.61 1.23 -7.37
CA HIS A 75 -2.17 2.10 -8.42
C HIS A 75 -2.00 3.51 -7.92
N VAL A 76 -2.27 3.76 -6.65
CA VAL A 76 -2.06 5.10 -6.10
C VAL A 76 -0.76 5.01 -5.35
N LEU A 77 0.09 6.01 -5.50
CA LEU A 77 1.29 6.06 -4.70
C LEU A 77 1.01 6.94 -3.48
N VAL A 78 1.09 6.38 -2.28
CA VAL A 78 0.89 7.11 -1.03
C VAL A 78 2.26 7.35 -0.43
N LEU A 79 2.65 8.60 -0.30
CA LEU A 79 3.95 8.90 0.28
C LEU A 79 3.69 9.45 1.64
N ILE A 80 4.62 9.23 2.58
CA ILE A 80 4.69 9.94 3.85
C ILE A 80 5.98 10.75 3.83
N ASP A 81 5.82 12.06 3.76
CA ASP A 81 6.90 13.00 3.69
C ASP A 81 7.80 12.63 2.54
N GLY A 82 7.13 12.34 1.43
CA GLY A 82 7.76 12.05 0.16
C GLY A 82 8.53 10.77 0.12
N VAL A 83 8.17 9.85 1.01
CA VAL A 83 8.71 8.50 0.97
C VAL A 83 7.63 7.46 1.02
N ARG A 84 7.75 6.44 0.19
CA ARG A 84 6.72 5.40 0.03
C ARG A 84 6.33 4.83 1.36
N LEU A 85 5.04 4.70 1.58
CA LEU A 85 4.50 4.31 2.87
C LEU A 85 4.89 2.88 3.18
N ASN A 86 5.65 2.72 4.27
CA ASN A 86 6.19 1.43 4.67
C ASN A 86 5.15 0.36 4.81
N LEU A 87 3.92 0.69 5.16
CA LEU A 87 2.85 -0.29 5.34
C LEU A 87 2.28 -0.72 3.99
N ALA A 88 3.01 -0.51 2.91
CA ALA A 88 2.54 -0.93 1.60
C ALA A 88 3.52 -1.90 0.99
N GLY A 89 4.64 -2.08 1.65
CA GLY A 89 5.71 -2.90 1.14
C GLY A 89 5.17 -4.27 0.90
N VAL A 90 4.84 -5.01 1.95
CA VAL A 90 4.51 -6.43 1.81
C VAL A 90 3.41 -6.66 0.77
N SER A 91 2.25 -6.04 0.98
CA SER A 91 1.05 -6.28 0.16
C SER A 91 1.16 -5.72 -1.25
N GLY A 92 2.02 -4.73 -1.44
CA GLY A 92 2.12 -4.00 -2.68
C GLY A 92 1.03 -2.97 -2.88
N SER A 93 0.01 -2.90 -2.03
CA SER A 93 -1.08 -1.91 -2.20
C SER A 93 -1.21 -0.99 -0.96
N ALA A 94 -1.78 0.21 -1.08
CA ALA A 94 -1.75 1.17 0.05
C ALA A 94 -2.94 1.12 0.97
N ASP A 95 -2.69 0.87 2.25
CA ASP A 95 -3.75 0.83 3.26
C ASP A 95 -3.48 1.91 4.30
N LEU A 96 -4.30 2.96 4.34
CA LEU A 96 -4.05 4.03 5.31
C LEU A 96 -4.86 3.86 6.59
N SER A 97 -5.70 2.84 6.67
CA SER A 97 -6.54 2.66 7.87
C SER A 97 -5.74 2.43 9.14
N GLN A 98 -4.58 1.82 9.00
CA GLN A 98 -3.73 1.65 10.14
C GLN A 98 -2.90 2.88 10.37
N PHE A 99 -2.75 3.75 9.38
CA PHE A 99 -1.92 4.96 9.58
C PHE A 99 -2.72 6.03 10.36
N PRO A 100 -2.09 6.57 11.40
CA PRO A 100 -2.70 7.48 12.36
C PRO A 100 -2.86 8.89 11.96
N ILE A 101 -4.10 9.30 12.07
CA ILE A 101 -4.52 10.62 11.71
C ILE A 101 -3.81 11.70 12.57
N ALA A 102 -3.55 11.39 13.84
CA ALA A 102 -2.76 12.30 14.67
C ALA A 102 -1.51 12.82 13.99
N LEU A 103 -0.85 11.96 13.20
CA LEU A 103 0.35 12.37 12.47
C LEU A 103 0.16 13.30 11.28
N VAL A 104 -1.02 13.33 10.69
CA VAL A 104 -1.23 13.93 9.39
C VAL A 104 -1.34 15.40 9.61
N GLN A 105 -0.52 16.15 8.95
CA GLN A 105 -0.47 17.59 9.20
C GLN A 105 -0.72 18.37 7.93
N ARG A 106 -0.58 17.74 6.77
CA ARG A 106 -1.01 18.31 5.50
C ARG A 106 -1.17 17.21 4.47
N VAL A 107 -1.99 17.39 3.44
CA VAL A 107 -2.11 16.36 2.41
C VAL A 107 -1.94 17.01 1.05
N GLU A 108 -0.96 16.60 0.27
CA GLU A 108 -0.85 17.08 -1.09
C GLU A 108 -1.19 15.92 -1.96
N TYR A 109 -2.11 16.14 -2.86
CA TYR A 109 -2.67 15.08 -3.62
C TYR A 109 -2.75 15.54 -5.07
N ILE A 110 -1.91 14.98 -5.92
CA ILE A 110 -1.84 15.38 -7.32
C ILE A 110 -2.24 14.21 -8.23
N ARG A 111 -3.37 14.38 -8.91
CA ARG A 111 -3.93 13.34 -9.74
C ARG A 111 -3.17 13.24 -11.05
N GLY A 112 -3.47 12.17 -11.77
CA GLY A 112 -2.70 11.78 -12.93
C GLY A 112 -1.41 11.10 -12.56
N PRO A 113 -0.63 10.75 -13.56
CA PRO A 113 0.63 10.04 -13.35
C PRO A 113 1.76 10.90 -12.81
N ARG A 114 2.71 10.22 -12.20
CA ARG A 114 3.93 10.83 -11.71
C ARG A 114 5.00 9.77 -11.36
N SER A 115 5.07 8.65 -12.09
CA SER A 115 6.19 7.71 -11.98
C SER A 115 7.41 8.35 -12.60
N ALA A 116 7.18 9.25 -13.54
CA ALA A 116 8.26 10.08 -14.05
C ALA A 116 9.08 10.78 -12.91
N VAL A 117 8.45 11.08 -11.78
CA VAL A 117 9.14 11.70 -10.67
C VAL A 117 9.42 10.73 -9.54
N TYR A 118 8.46 9.83 -9.29
CA TYR A 118 8.40 9.09 -8.00
C TYR A 118 8.68 7.59 -8.04
N GLY A 119 8.62 7.03 -9.24
CA GLY A 119 8.89 5.62 -9.44
C GLY A 119 7.59 4.83 -9.53
N SER A 120 7.63 3.60 -9.05
CA SER A 120 6.46 2.71 -9.13
C SER A 120 5.25 3.18 -8.33
N ASP A 121 4.09 2.73 -8.79
CA ASP A 121 2.79 2.88 -8.17
C ASP A 121 2.12 4.22 -8.44
N ALA A 122 2.77 5.17 -9.12
CA ALA A 122 2.12 6.50 -9.31
C ALA A 122 1.13 6.59 -10.54
N ILE A 123 0.23 5.64 -10.70
CA ILE A 123 -0.53 5.58 -11.93
C ILE A 123 -1.78 6.48 -11.91
N GLY A 124 -2.68 6.29 -10.95
CA GLY A 124 -3.83 7.15 -10.80
C GLY A 124 -3.43 8.55 -10.33
N GLY A 125 -2.69 8.60 -9.24
CA GLY A 125 -2.20 9.86 -8.72
C GLY A 125 -1.25 9.62 -7.56
N VAL A 126 -1.05 10.63 -6.73
CA VAL A 126 -0.05 10.55 -5.64
C VAL A 126 -0.60 11.17 -4.37
N VAL A 127 -0.61 10.45 -3.28
CA VAL A 127 -1.07 11.10 -2.08
C VAL A 127 0.07 11.26 -1.10
N ASN A 128 0.60 12.47 -0.99
CA ASN A 128 1.64 12.75 -0.02
C ASN A 128 1.10 13.26 1.32
N ILE A 129 1.18 12.43 2.36
CA ILE A 129 0.84 12.84 3.71
C ILE A 129 2.05 13.39 4.39
N ILE A 130 1.93 14.64 4.84
CA ILE A 130 3.03 15.38 5.41
C ILE A 130 2.92 15.45 6.94
N THR A 131 3.97 15.07 7.65
CA THR A 131 3.86 14.99 9.12
C THR A 131 4.62 16.09 9.89
N THR A 132 5.11 17.08 9.15
CA THR A 132 5.57 18.35 9.66
C THR A 132 4.70 19.56 9.37
N ARG A 133 4.54 20.50 10.29
CA ARG A 133 4.05 21.83 9.93
C ARG A 133 4.57 22.88 10.86
N ASP A 134 4.47 24.14 10.47
CA ASP A 134 5.16 25.15 11.27
C ASP A 134 4.13 25.97 11.98
N GLU A 135 3.84 25.58 13.22
CA GLU A 135 2.83 26.27 14.03
C GLU A 135 3.31 26.33 15.47
N PRO A 136 4.03 27.38 15.83
CA PRO A 136 4.54 27.53 17.19
C PRO A 136 3.47 27.25 18.24
N GLY A 137 3.89 26.89 19.44
CA GLY A 137 2.95 26.58 20.50
C GLY A 137 2.72 25.11 20.81
N THR A 138 1.64 24.84 21.54
CA THR A 138 1.39 23.55 22.14
C THR A 138 -0.11 23.40 22.33
N GLU A 139 -0.64 22.22 22.06
CA GLU A 139 -2.11 22.00 22.04
C GLU A 139 -2.47 20.71 22.77
N ILE A 140 -3.48 20.78 23.62
CA ILE A 140 -3.99 19.58 24.29
C ILE A 140 -5.42 19.30 23.79
N SER A 141 -5.69 18.09 23.33
CA SER A 141 -6.99 17.77 22.75
C SER A 141 -7.54 16.46 23.30
N ALA A 142 -8.86 16.28 23.22
CA ALA A 142 -9.52 14.99 23.49
C ALA A 142 -10.86 14.93 22.82
N GLY A 143 -11.48 13.76 22.90
CA GLY A 143 -12.84 13.60 22.40
C GLY A 143 -13.47 12.30 22.84
N TRP A 144 -14.78 12.32 23.06
CA TRP A 144 -15.54 11.13 23.36
C TRP A 144 -16.62 11.00 22.29
N GLY A 145 -17.01 9.77 21.98
CA GLY A 145 -17.90 9.56 20.86
C GLY A 145 -18.56 8.21 20.86
N SER A 146 -19.48 8.04 19.92
CA SER A 146 -20.17 6.78 19.68
C SER A 146 -19.20 5.63 19.60
N ASN A 147 -19.71 4.42 19.70
CA ASN A 147 -18.91 3.22 19.69
C ASN A 147 -17.70 3.30 20.59
N SER A 148 -17.86 3.87 21.77
CA SER A 148 -16.79 3.98 22.76
C SER A 148 -15.54 4.70 22.28
N TYR A 149 -15.70 5.62 21.35
CA TYR A 149 -14.58 6.42 20.91
C TYR A 149 -14.07 7.35 22.02
N GLN A 150 -12.81 7.19 22.40
CA GLN A 150 -12.12 8.16 23.24
C GLN A 150 -10.77 8.53 22.59
N ASN A 151 -10.40 9.82 22.64
CA ASN A 151 -9.12 10.29 22.12
C ASN A 151 -8.46 11.22 23.12
N TYR A 152 -7.13 11.19 23.19
CA TYR A 152 -6.34 12.07 24.08
C TYR A 152 -5.11 12.48 23.33
N ASP A 153 -4.87 13.77 23.18
CA ASP A 153 -3.75 14.19 22.32
C ASP A 153 -3.01 15.38 22.86
N VAL A 154 -1.69 15.31 22.83
CA VAL A 154 -0.82 16.43 23.16
C VAL A 154 0.22 16.57 22.09
N SER A 155 0.64 17.79 21.86
CA SER A 155 1.34 18.19 20.65
C SER A 155 1.95 19.55 20.94
N THR A 156 3.27 19.70 20.76
CA THR A 156 3.98 20.98 20.95
C THR A 156 5.13 21.21 19.98
N GLN A 157 5.39 22.47 19.66
CA GLN A 157 6.51 22.92 18.81
C GLN A 157 7.18 24.07 19.49
N GLN A 158 8.48 24.03 19.69
CA GLN A 158 9.12 25.08 20.48
C GLN A 158 10.52 25.40 20.03
N GLN A 159 10.94 26.63 20.22
CA GLN A 159 12.30 27.01 19.89
C GLN A 159 13.21 26.66 21.03
N LEU A 160 14.23 25.89 20.75
CA LEU A 160 15.02 25.25 21.76
C LEU A 160 16.30 25.99 21.88
N GLY A 161 16.36 27.12 21.22
CA GLY A 161 17.62 27.62 20.68
C GLY A 161 17.37 28.66 19.59
N ASP A 162 16.11 28.79 19.15
CA ASP A 162 15.66 29.94 18.36
C ASP A 162 16.21 29.90 16.95
N LYS A 163 17.35 29.20 16.78
CA LYS A 163 17.76 28.53 15.53
C LYS A 163 17.54 27.01 15.61
N THR A 164 16.88 26.51 16.65
CA THR A 164 16.63 25.06 16.78
C THR A 164 15.22 24.77 17.29
N ARG A 165 14.48 23.99 16.55
CA ARG A 165 13.10 23.76 16.83
C ARG A 165 12.93 22.30 17.33
N VAL A 166 12.03 22.12 18.28
CA VAL A 166 11.59 20.80 18.66
C VAL A 166 10.10 20.60 18.50
N THR A 167 9.72 19.43 18.09
CA THR A 167 8.33 19.10 17.97
C THR A 167 8.05 17.72 18.54
N LEU A 168 6.91 17.60 19.21
CA LEU A 168 6.52 16.38 19.89
C LEU A 168 5.03 16.22 19.79
N LEU A 169 4.60 15.00 19.48
CA LEU A 169 3.21 14.66 19.79
C LEU A 169 3.06 13.31 20.39
N GLY A 170 2.04 13.16 21.20
CA GLY A 170 1.60 11.89 21.73
C GLY A 170 0.12 11.71 21.48
N ASP A 171 -0.32 10.57 20.92
CA ASP A 171 -1.74 10.37 20.70
C ASP A 171 -2.21 9.03 21.20
N TYR A 172 -3.39 9.00 21.81
CA TYR A 172 -4.03 7.77 22.20
C TYR A 172 -5.41 7.75 21.61
N ALA A 173 -5.78 6.63 20.99
CA ALA A 173 -6.99 6.53 20.21
C ALA A 173 -7.63 5.11 20.29
N HIS A 174 -8.81 4.99 20.91
CA HIS A 174 -9.52 3.71 21.03
C HIS A 174 -10.95 3.84 20.51
N THR A 175 -11.44 2.80 19.85
CA THR A 175 -12.85 2.72 19.41
C THR A 175 -13.30 1.30 19.07
N HIS A 176 -14.55 0.97 19.41
CA HIS A 176 -15.20 -0.33 19.02
C HIS A 176 -15.86 -0.35 17.62
N GLY A 177 -16.53 -1.47 17.28
CA GLY A 177 -17.04 -1.69 15.92
C GLY A 177 -18.28 -2.55 15.83
N ASP A 193 -16.03 -7.06 16.18
CA ASP A 193 -14.90 -7.15 17.12
C ASP A 193 -15.28 -7.29 18.62
N ASN A 194 -14.23 -7.29 19.46
CA ASN A 194 -14.29 -6.88 20.87
C ASN A 194 -13.73 -5.43 20.88
N ASP A 195 -12.89 -5.05 21.83
CA ASP A 195 -12.37 -3.67 21.91
C ASP A 195 -11.42 -3.30 20.74
N GLY A 196 -11.96 -3.34 19.50
CA GLY A 196 -11.16 -3.51 18.28
C GLY A 196 -10.77 -2.33 17.44
N PHE A 197 -9.90 -1.47 18.00
CA PHE A 197 -8.92 -0.62 17.29
C PHE A 197 -8.27 0.39 18.26
N LEU A 198 -6.99 0.22 18.52
CA LEU A 198 -6.28 0.93 19.56
C LEU A 198 -5.10 1.47 18.84
N SER A 199 -5.00 2.78 18.71
CA SER A 199 -3.83 3.42 18.14
C SER A 199 -3.10 4.20 19.24
N LYS A 200 -1.81 3.97 19.38
CA LYS A 200 -0.99 4.75 20.32
C LYS A 200 0.19 5.27 19.53
N THR A 201 0.26 6.60 19.35
CA THR A 201 1.34 7.20 18.56
C THR A 201 2.23 8.13 19.40
N LEU A 202 3.53 8.03 19.16
CA LEU A 202 4.48 8.98 19.71
C LEU A 202 5.31 9.52 18.59
N TYR A 203 5.75 10.76 18.70
CA TYR A 203 6.40 11.43 17.58
C TYR A 203 7.36 12.48 18.06
N GLY A 204 8.52 12.56 17.46
CA GLY A 204 9.48 13.57 17.87
C GLY A 204 10.44 14.05 16.82
N ALA A 205 10.61 15.35 16.67
CA ALA A 205 11.43 15.88 15.61
C ALA A 205 12.29 17.06 16.08
N LEU A 206 13.47 17.16 15.49
CA LEU A 206 14.43 18.19 15.88
C LEU A 206 14.99 18.77 14.58
N GLU A 207 14.99 20.09 14.49
CA GLU A 207 15.17 20.77 13.21
C GLU A 207 16.02 21.96 13.47
N HIS A 208 17.16 22.09 12.78
CA HIS A 208 18.18 23.11 13.11
C HIS A 208 18.53 23.94 11.89
N ASN A 209 18.82 25.22 12.03
CA ASN A 209 19.35 26.01 10.92
C ASN A 209 20.80 26.36 11.02
N PHE A 210 21.65 25.69 10.25
CA PHE A 210 23.09 25.97 10.29
C PHE A 210 23.40 27.43 9.85
N THR A 211 22.64 27.91 8.88
CA THR A 211 22.77 29.22 8.28
C THR A 211 21.39 29.51 7.77
N ASP A 212 21.23 30.68 7.16
CA ASP A 212 19.89 31.10 6.76
C ASP A 212 19.37 30.11 5.72
N ALA A 213 20.29 29.38 5.06
CA ALA A 213 19.95 28.46 3.95
C ALA A 213 20.32 26.98 4.13
N TRP A 214 21.36 26.67 4.91
CA TRP A 214 21.68 25.27 5.25
C TRP A 214 20.92 24.80 6.50
N SER A 215 20.33 23.63 6.44
CA SER A 215 19.57 23.12 7.58
C SER A 215 19.46 21.63 7.56
N GLY A 216 19.12 21.11 8.72
CA GLY A 216 19.12 19.68 8.96
C GLY A 216 18.09 19.28 9.98
N PHE A 217 17.60 18.05 9.89
CA PHE A 217 16.60 17.58 10.82
C PHE A 217 16.82 16.13 11.24
N VAL A 218 16.33 15.79 12.43
CA VAL A 218 16.12 14.40 12.76
C VAL A 218 14.74 14.13 13.30
N ARG A 219 14.22 12.92 13.05
CA ARG A 219 12.95 12.47 13.60
C ARG A 219 12.79 10.99 13.86
N GLY A 220 11.87 10.74 14.76
CA GLY A 220 11.43 9.41 15.11
C GLY A 220 9.93 9.51 15.35
N TYR A 221 9.16 8.63 14.76
CA TYR A 221 7.89 8.37 15.34
C TYR A 221 7.56 6.92 15.30
N GLY A 222 6.54 6.53 16.02
CA GLY A 222 6.06 5.17 15.95
C GLY A 222 4.64 5.07 16.46
N TYR A 223 3.95 4.03 15.99
CA TYR A 223 2.71 3.66 16.62
C TYR A 223 2.60 2.14 16.87
N ASP A 224 1.81 1.81 17.88
CA ASP A 224 1.48 0.43 18.21
C ASP A 224 -0.01 0.40 18.08
N ASN A 225 -0.50 -0.51 17.25
CA ASN A 225 -1.89 -0.63 16.99
C ASN A 225 -2.38 -2.03 17.30
N ARG A 226 -3.47 -2.13 18.04
CA ARG A 226 -4.22 -3.36 18.15
C ARG A 226 -5.57 -3.19 17.47
N THR A 227 -5.95 -4.13 16.60
CA THR A 227 -7.26 -4.06 15.99
C THR A 227 -7.88 -5.44 15.79
N ASN A 228 -9.17 -5.54 16.08
CA ASN A 228 -9.92 -6.79 16.05
C ASN A 228 -10.80 -6.87 14.82
N TYR A 229 -10.98 -8.07 14.29
CA TYR A 229 -11.77 -8.28 13.09
C TYR A 229 -12.37 -9.70 13.00
N ASP A 230 -13.60 -9.77 12.47
CA ASP A 230 -14.18 -10.86 11.66
C ASP A 230 -13.22 -11.81 10.91
N ALA A 231 -12.97 -13.04 11.38
CA ALA A 231 -12.07 -13.95 10.66
C ALA A 231 -12.79 -15.18 10.10
N TYR A 232 -12.15 -15.95 9.21
CA TYR A 232 -12.80 -17.13 8.64
C TYR A 232 -12.49 -18.27 9.58
N TYR A 233 -13.53 -19.00 10.00
CA TYR A 233 -13.46 -20.02 11.05
C TYR A 233 -13.29 -21.46 10.53
N SER A 234 -12.27 -22.15 11.03
CA SER A 234 -11.95 -23.53 10.65
C SER A 234 -11.80 -24.41 11.90
N PRO A 235 -12.76 -25.26 12.19
CA PRO A 235 -12.68 -26.14 13.35
C PRO A 235 -11.31 -26.82 13.52
N GLY A 236 -10.80 -26.80 14.75
CA GLY A 236 -9.55 -27.48 15.09
C GLY A 236 -8.34 -26.56 14.99
N SER A 237 -8.55 -25.43 14.36
CA SER A 237 -7.48 -24.52 14.06
C SER A 237 -7.72 -23.15 14.68
N PRO A 238 -6.65 -22.60 15.24
CA PRO A 238 -6.69 -21.28 15.88
C PRO A 238 -7.48 -20.27 15.08
N LEU A 239 -8.07 -19.28 15.75
CA LEU A 239 -8.82 -18.22 15.08
C LEU A 239 -8.08 -16.88 15.17
N LEU A 240 -7.48 -16.48 14.05
CA LEU A 240 -6.67 -15.27 14.01
C LEU A 240 -7.55 -14.06 13.78
N ASP A 241 -7.95 -13.42 14.87
CA ASP A 241 -8.88 -12.30 14.80
C ASP A 241 -8.37 -11.13 15.60
N THR A 242 -7.05 -11.09 15.80
CA THR A 242 -6.39 -9.99 16.48
C THR A 242 -5.13 -9.66 15.74
N ARG A 243 -4.86 -8.39 15.62
CA ARG A 243 -3.71 -7.91 14.91
C ARG A 243 -2.98 -6.91 15.81
N LYS A 244 -1.69 -7.14 16.04
CA LYS A 244 -0.81 -6.14 16.63
C LYS A 244 0.25 -5.74 15.62
N LEU A 245 0.16 -4.46 15.19
CA LEU A 245 1.12 -3.78 14.30
C LEU A 245 2.03 -2.87 15.12
N TYR A 246 3.34 -2.98 14.99
CA TYR A 246 4.27 -2.02 15.57
C TYR A 246 5.10 -1.43 14.44
N SER A 247 4.91 -0.15 14.14
CA SER A 247 5.71 0.46 13.12
C SER A 247 6.45 1.60 13.71
N GLN A 248 7.61 1.86 13.14
CA GLN A 248 8.39 3.02 13.55
C GLN A 248 9.18 3.51 12.34
N SER A 249 9.65 4.73 12.40
CA SER A 249 10.24 5.39 11.24
C SER A 249 11.25 6.43 11.71
N TRP A 250 12.45 6.37 11.19
CA TRP A 250 13.38 7.41 11.49
C TRP A 250 13.79 8.10 10.21
N ASP A 251 14.16 9.37 10.30
CA ASP A 251 14.86 9.99 9.18
C ASP A 251 15.66 11.16 9.61
N ALA A 252 16.53 11.57 8.71
CA ALA A 252 17.51 12.62 8.92
C ALA A 252 17.75 13.25 7.57
N GLY A 253 17.98 14.54 7.54
CA GLY A 253 18.34 15.14 6.29
C GLY A 253 19.04 16.46 6.38
N LEU A 254 19.88 16.72 5.38
CA LEU A 254 20.23 18.07 4.97
C LEU A 254 19.35 18.66 3.86
N ARG A 255 19.12 19.96 3.96
CA ARG A 255 18.48 20.76 2.92
C ARG A 255 19.35 22.00 2.68
N TYR A 256 19.46 22.39 1.40
CA TYR A 256 19.97 23.68 0.96
C TYR A 256 18.87 24.44 0.26
N ASN A 257 18.58 25.64 0.74
CA ASN A 257 17.56 26.50 0.19
C ASN A 257 18.25 27.81 -0.21
N GLY A 258 18.56 27.91 -1.48
CA GLY A 258 19.28 29.02 -2.02
C GLY A 258 18.25 29.72 -2.85
N GLU A 259 18.63 30.87 -3.39
CA GLU A 259 17.78 31.66 -4.28
C GLU A 259 17.66 30.90 -5.60
N LEU A 260 18.81 30.45 -6.12
CA LEU A 260 18.91 29.80 -7.42
C LEU A 260 19.00 28.28 -7.38
N ILE A 261 19.87 27.69 -6.53
CA ILE A 261 19.92 26.22 -6.34
C ILE A 261 19.30 25.70 -5.06
N LYS A 262 18.78 24.49 -5.12
CA LYS A 262 18.16 23.86 -3.97
C LYS A 262 18.54 22.39 -3.97
N SER A 263 18.77 21.82 -2.81
CA SER A 263 19.16 20.43 -2.76
C SER A 263 18.64 19.85 -1.51
N GLN A 264 18.28 18.61 -1.50
CA GLN A 264 17.89 17.97 -0.26
C GLN A 264 18.36 16.57 -0.29
N LEU A 265 18.85 16.10 0.85
CA LEU A 265 19.49 14.79 0.98
C LEU A 265 18.90 14.06 2.21
N ILE A 266 18.09 13.05 1.97
CA ILE A 266 17.24 12.49 3.02
C ILE A 266 17.25 10.99 3.11
N THR A 267 17.79 10.50 4.23
CA THR A 267 17.68 9.09 4.60
C THR A 267 16.57 8.74 5.60
N SER A 268 15.96 7.59 5.40
CA SER A 268 14.86 7.13 6.24
C SER A 268 14.94 5.64 6.48
N TYR A 269 14.40 5.20 7.61
CA TYR A 269 14.37 3.82 7.98
C TYR A 269 13.06 3.58 8.64
N SER A 270 12.45 2.51 8.24
CA SER A 270 11.16 2.16 8.70
C SER A 270 11.20 0.68 9.00
N HIS A 271 10.72 0.33 10.17
CA HIS A 271 10.69 -1.06 10.65
C HIS A 271 9.30 -1.33 11.14
N SER A 272 8.65 -2.36 10.64
CA SER A 272 7.33 -2.70 11.14
C SER A 272 7.14 -4.18 11.35
N LYS A 273 6.55 -4.56 12.48
CA LYS A 273 6.14 -5.92 12.76
C LYS A 273 4.62 -6.00 12.80
N ASP A 274 4.06 -6.95 12.09
CA ASP A 274 2.64 -7.05 12.00
C ASP A 274 2.30 -8.49 12.42
N TYR A 275 1.85 -8.68 13.67
CA TYR A 275 1.30 -9.95 14.13
C TYR A 275 -0.19 -10.07 13.85
N ASN A 276 -0.57 -11.26 13.40
CA ASN A 276 -1.97 -11.66 13.32
C ASN A 276 -2.05 -13.02 14.00
N TYR A 277 -2.74 -13.04 15.14
CA TYR A 277 -2.70 -14.16 16.04
C TYR A 277 -4.05 -14.41 16.70
N ASP A 278 -4.09 -15.47 17.51
CA ASP A 278 -5.26 -15.83 18.29
C ASP A 278 -4.93 -15.66 19.77
N PRO A 279 -5.66 -14.77 20.46
CA PRO A 279 -5.39 -14.47 21.87
C PRO A 279 -5.18 -15.72 22.72
N HIS A 280 -5.97 -16.78 22.51
CA HIS A 280 -5.81 -17.99 23.32
C HIS A 280 -4.50 -18.72 23.08
N TYR A 281 -3.99 -18.66 21.85
CA TYR A 281 -2.82 -19.45 21.48
C TYR A 281 -1.49 -18.71 21.57
N GLY A 282 -1.47 -17.39 21.68
CA GLY A 282 -0.18 -16.73 21.76
C GLY A 282 -0.01 -15.48 20.92
N ARG A 283 0.88 -15.52 19.93
CA ARG A 283 1.47 -14.29 19.29
C ARG A 283 2.79 -14.66 18.66
N TYR A 284 3.48 -15.50 19.44
CA TYR A 284 4.68 -16.24 19.13
C TYR A 284 4.24 -17.68 19.20
N ASP A 285 3.40 -18.07 18.26
CA ASP A 285 2.87 -19.42 18.20
C ASP A 285 2.62 -19.71 16.74
N SER A 286 3.03 -20.90 16.26
CA SER A 286 3.03 -21.20 14.83
C SER A 286 1.73 -20.80 14.13
N SER A 287 0.62 -20.81 14.85
CA SER A 287 -0.63 -20.30 14.32
C SER A 287 -0.55 -18.84 13.86
N ALA A 288 0.13 -18.01 14.64
CA ALA A 288 0.34 -16.62 14.29
C ALA A 288 1.15 -16.44 13.02
N THR A 289 0.72 -15.50 12.18
CA THR A 289 1.49 -14.97 11.06
C THR A 289 2.15 -13.68 11.54
N LEU A 290 3.31 -13.36 10.96
CA LEU A 290 4.11 -12.21 11.34
C LEU A 290 4.79 -11.69 10.10
N ASP A 291 4.56 -10.42 9.81
CA ASP A 291 5.14 -9.73 8.67
C ASP A 291 6.07 -8.67 9.22
N GLU A 292 7.36 -8.86 9.05
CA GLU A 292 8.32 -7.95 9.57
C GLU A 292 9.05 -7.44 8.32
N MET A 293 9.07 -6.11 8.16
CA MET A 293 9.48 -5.41 6.96
C MET A 293 10.42 -4.30 7.38
N LYS A 294 11.52 -4.10 6.67
CA LYS A 294 12.41 -2.96 6.92
C LYS A 294 12.66 -2.20 5.62
N GLN A 295 12.18 -0.95 5.53
CA GLN A 295 12.32 -0.13 4.33
C GLN A 295 13.51 0.78 4.58
N TYR A 296 14.48 0.86 3.66
CA TYR A 296 15.52 1.91 3.76
C TYR A 296 15.47 2.78 2.52
N THR A 297 15.61 4.08 2.68
CA THR A 297 15.48 4.99 1.58
C THR A 297 16.51 6.09 1.68
N VAL A 298 17.13 6.43 0.58
CA VAL A 298 18.04 7.55 0.49
C VAL A 298 17.65 8.33 -0.74
N GLN A 299 17.50 9.63 -0.59
CA GLN A 299 17.06 10.49 -1.64
C GLN A 299 17.99 11.65 -1.73
N TRP A 300 18.32 12.06 -2.96
CA TRP A 300 19.09 13.26 -3.21
C TRP A 300 18.38 14.00 -4.29
N ALA A 301 17.73 15.10 -3.96
CA ALA A 301 17.02 15.87 -4.96
C ALA A 301 17.77 17.15 -5.15
N ASN A 302 17.64 17.72 -6.33
CA ASN A 302 18.30 18.96 -6.64
C ASN A 302 17.53 19.67 -7.65
N ASN A 303 17.66 20.98 -7.60
CA ASN A 303 16.86 21.83 -8.43
C ASN A 303 17.55 23.16 -8.61
N VAL A 304 17.60 23.63 -9.86
CA VAL A 304 18.00 25.00 -10.15
C VAL A 304 16.92 25.72 -10.89
N ILE A 305 16.89 27.04 -10.65
CA ILE A 305 16.01 27.94 -11.39
C ILE A 305 16.70 28.26 -12.69
N VAL A 306 15.97 28.07 -13.78
CA VAL A 306 16.44 28.38 -15.11
C VAL A 306 15.38 29.18 -15.83
N GLY A 307 15.73 30.39 -16.25
CA GLY A 307 14.77 31.29 -16.86
C GLY A 307 13.56 31.42 -15.97
N HIS A 308 12.39 31.37 -16.58
CA HIS A 308 11.15 31.43 -15.84
C HIS A 308 10.71 30.01 -15.55
N GLY A 309 11.46 29.33 -14.70
CA GLY A 309 11.15 27.96 -14.41
C GLY A 309 12.28 27.32 -13.67
N SER A 310 12.45 26.02 -13.84
CA SER A 310 13.53 25.30 -13.20
C SER A 310 13.89 24.04 -13.94
N ILE A 311 14.99 23.43 -13.54
CA ILE A 311 15.33 22.07 -13.94
C ILE A 311 15.73 21.34 -12.70
N GLY A 312 15.17 20.16 -12.50
CA GLY A 312 15.50 19.32 -11.36
C GLY A 312 16.09 17.98 -11.77
N ALA A 313 16.86 17.37 -10.87
CA ALA A 313 17.51 16.06 -11.08
C ALA A 313 17.77 15.34 -9.77
N GLY A 314 17.15 14.20 -9.56
CA GLY A 314 17.33 13.49 -8.31
C GLY A 314 17.66 12.03 -8.45
N VAL A 315 17.92 11.43 -7.30
CA VAL A 315 18.14 10.00 -7.18
C VAL A 315 17.37 9.51 -5.99
N ASP A 316 16.63 8.44 -6.15
CA ASP A 316 16.12 7.78 -4.94
C ASP A 316 16.42 6.32 -4.98
N TRP A 317 17.02 5.86 -3.89
CA TRP A 317 17.34 4.45 -3.65
C TRP A 317 16.36 3.87 -2.62
N GLN A 318 15.91 2.65 -2.82
CA GLN A 318 14.98 2.01 -1.89
C GLN A 318 15.38 0.55 -1.70
N LYS A 319 15.51 0.16 -0.45
CA LYS A 319 15.71 -1.23 -0.03
C LYS A 319 14.57 -1.70 0.92
N GLN A 320 14.03 -2.89 0.65
CA GLN A 320 12.98 -3.48 1.43
C GLN A 320 13.45 -4.88 1.74
N THR A 321 13.64 -5.20 3.03
CA THR A 321 13.86 -6.59 3.43
C THR A 321 12.75 -7.13 4.29
N THR A 322 12.43 -8.38 4.03
CA THR A 322 11.41 -9.13 4.73
C THR A 322 11.99 -10.35 5.42
N THR A 323 11.13 -10.96 6.20
CA THR A 323 11.49 -11.96 7.19
C THR A 323 10.89 -13.26 6.69
N PRO A 324 11.55 -14.41 6.88
CA PRO A 324 10.93 -15.68 6.48
C PRO A 324 9.49 -15.76 6.93
N GLY A 325 8.56 -15.93 5.99
CA GLY A 325 7.13 -16.06 6.28
C GLY A 325 6.29 -14.83 5.91
N THR A 326 6.93 -13.67 5.85
CA THR A 326 6.30 -12.40 5.57
C THR A 326 5.62 -12.31 4.21
N GLY A 327 4.41 -11.78 4.20
CA GLY A 327 3.64 -11.68 2.97
C GLY A 327 3.27 -13.00 2.33
N TYR A 328 3.29 -14.07 3.12
CA TYR A 328 2.99 -15.43 2.68
C TYR A 328 4.05 -16.00 1.76
N VAL A 329 5.31 -15.65 2.01
CA VAL A 329 6.44 -16.16 1.25
C VAL A 329 7.38 -16.93 2.16
N GLU A 330 7.87 -18.09 1.71
CA GLU A 330 8.63 -18.97 2.61
C GLU A 330 9.79 -18.17 3.13
N ASP A 331 10.62 -17.68 2.20
CA ASP A 331 11.94 -17.20 2.59
C ASP A 331 11.84 -15.70 2.73
N GLY A 332 12.89 -15.09 3.26
CA GLY A 332 12.98 -13.64 3.32
C GLY A 332 13.69 -13.07 2.12
N TYR A 333 13.13 -12.01 1.54
CA TYR A 333 13.74 -11.39 0.37
C TYR A 333 14.26 -9.99 0.70
N ASP A 334 15.02 -9.48 -0.25
CA ASP A 334 15.73 -8.21 -0.18
C ASP A 334 15.54 -7.60 -1.57
N GLN A 335 14.49 -6.81 -1.72
CA GLN A 335 14.26 -6.04 -2.94
C GLN A 335 15.04 -4.70 -2.90
N ARG A 336 15.55 -4.27 -4.05
CA ARG A 336 16.25 -2.98 -4.17
C ARG A 336 15.88 -2.20 -5.45
N ASN A 337 15.78 -0.88 -5.35
CA ASN A 337 15.43 -0.08 -6.51
C ASN A 337 16.15 1.24 -6.51
N THR A 338 16.94 1.49 -7.54
CA THR A 338 17.59 2.77 -7.71
C THR A 338 16.95 3.51 -8.86
N GLY A 339 16.64 4.76 -8.62
CA GLY A 339 16.00 5.57 -9.63
C GLY A 339 16.80 6.83 -9.81
N ILE A 340 16.79 7.37 -11.01
CA ILE A 340 17.31 8.68 -11.29
C ILE A 340 16.29 9.36 -12.20
N TYR A 341 15.98 10.64 -11.93
CA TYR A 341 14.98 11.38 -12.72
C TYR A 341 15.38 12.83 -13.01
N LEU A 342 14.61 13.44 -13.89
CA LEU A 342 14.82 14.80 -14.36
C LEU A 342 13.48 15.50 -14.41
N THR A 343 13.49 16.78 -14.08
CA THR A 343 12.30 17.58 -14.05
C THR A 343 12.57 18.80 -14.88
N GLY A 344 11.52 19.37 -15.45
CA GLY A 344 11.65 20.55 -16.27
C GLY A 344 10.48 21.52 -16.12
N LEU A 345 10.76 22.81 -16.14
CA LEU A 345 9.70 23.78 -16.10
C LEU A 345 10.10 25.03 -16.79
N GLN A 346 9.22 25.56 -17.62
CA GLN A 346 9.49 26.80 -18.28
C GLN A 346 8.15 27.44 -18.63
N GLN A 347 7.90 28.63 -18.08
CA GLN A 347 6.80 29.50 -18.51
C GLN A 347 7.40 30.40 -19.56
N VAL A 348 6.79 30.43 -20.75
CA VAL A 348 7.14 31.35 -21.83
C VAL A 348 5.88 32.00 -22.36
N GLY A 349 5.81 33.33 -22.30
CA GLY A 349 4.63 34.06 -22.76
C GLY A 349 3.42 33.68 -21.92
N ASP A 350 2.39 33.14 -22.56
CA ASP A 350 1.27 32.56 -21.83
C ASP A 350 1.22 31.03 -21.93
N PHE A 351 2.21 30.41 -22.55
CA PHE A 351 2.31 28.96 -22.58
C PHE A 351 2.98 28.54 -21.28
N THR A 352 2.68 27.34 -20.80
CA THR A 352 3.44 26.73 -19.70
C THR A 352 3.80 25.26 -20.03
N PHE A 353 5.02 24.84 -19.68
CA PHE A 353 5.55 23.52 -20.04
C PHE A 353 6.23 22.75 -18.86
N GLU A 354 5.61 21.72 -18.24
CA GLU A 354 6.34 20.71 -17.35
C GLU A 354 6.69 19.48 -18.17
N GLY A 355 7.78 18.84 -17.79
CA GLY A 355 8.03 17.45 -18.09
C GLY A 355 8.86 16.75 -17.02
N ALA A 356 9.00 15.44 -17.18
CA ALA A 356 9.81 14.64 -16.29
C ALA A 356 10.23 13.38 -16.99
N ALA A 357 11.34 12.82 -16.54
CA ALA A 357 11.70 11.49 -17.03
C ALA A 357 12.52 10.72 -16.03
N ARG A 358 12.19 9.45 -15.88
CA ARG A 358 12.82 8.62 -14.88
C ARG A 358 13.28 7.32 -15.45
N SER A 359 14.43 6.81 -15.02
CA SER A 359 14.78 5.38 -15.21
C SER A 359 14.93 4.72 -13.86
N ASP A 360 14.18 3.64 -13.69
CA ASP A 360 14.31 2.78 -12.49
C ASP A 360 15.08 1.51 -12.83
N ASP A 361 15.77 1.02 -11.83
CA ASP A 361 16.52 -0.21 -11.91
C ASP A 361 16.05 -1.02 -10.76
N ASN A 362 15.40 -2.12 -11.06
CA ASN A 362 14.77 -2.93 -10.05
C ASN A 362 15.47 -4.30 -9.94
N SER A 363 16.02 -4.58 -8.78
CA SER A 363 16.58 -5.86 -8.38
C SER A 363 16.12 -7.09 -9.14
N GLN A 364 14.80 -7.18 -9.31
CA GLN A 364 14.11 -8.29 -9.94
C GLN A 364 13.92 -8.12 -11.43
N PHE A 365 13.45 -6.95 -11.88
CA PHE A 365 13.16 -6.75 -13.30
C PHE A 365 14.05 -5.78 -14.09
N GLY A 366 15.24 -5.43 -13.59
CA GLY A 366 16.06 -4.45 -14.29
C GLY A 366 15.30 -3.16 -14.54
N ARG A 367 15.42 -2.58 -15.74
CA ARG A 367 15.04 -1.19 -15.95
C ARG A 367 13.71 -0.89 -16.63
N HIS A 368 13.15 0.28 -16.31
CA HIS A 368 11.95 0.77 -16.96
C HIS A 368 11.86 2.27 -16.88
N GLY A 369 12.00 2.93 -18.02
CA GLY A 369 11.85 4.36 -18.10
C GLY A 369 10.39 4.78 -18.18
N THR A 370 10.12 5.97 -17.68
CA THR A 370 8.79 6.55 -17.59
C THR A 370 8.92 8.01 -17.91
N TRP A 371 7.88 8.67 -18.42
CA TRP A 371 7.96 10.12 -18.64
C TRP A 371 6.63 10.82 -18.75
N GLN A 372 6.58 12.12 -18.51
CA GLN A 372 5.35 12.87 -18.75
C GLN A 372 5.69 14.24 -19.25
N THR A 373 4.73 14.86 -19.92
CA THR A 373 4.85 16.24 -20.34
C THR A 373 3.46 16.84 -20.33
N SER A 374 3.38 18.14 -20.23
CA SER A 374 2.09 18.81 -20.26
C SER A 374 2.33 20.25 -20.54
N ALA A 375 1.48 20.83 -21.34
CA ALA A 375 1.56 22.23 -21.57
C ALA A 375 0.19 22.77 -21.26
N GLY A 376 0.15 24.00 -20.79
CA GLY A 376 -1.09 24.75 -20.68
C GLY A 376 -0.97 26.04 -21.47
N TRP A 377 -2.03 26.81 -21.51
CA TRP A 377 -2.04 28.02 -22.31
C TRP A 377 -3.11 28.93 -21.72
N GLU A 378 -2.70 30.07 -21.21
CA GLU A 378 -3.65 31.10 -20.81
C GLU A 378 -4.11 31.89 -22.06
N PHE A 379 -5.05 31.32 -22.82
CA PHE A 379 -5.51 31.91 -24.07
C PHE A 379 -6.22 33.27 -23.85
N ILE A 380 -7.09 33.36 -22.84
CA ILE A 380 -7.55 34.64 -22.29
C ILE A 380 -6.85 34.72 -20.97
N GLU A 381 -6.75 35.89 -20.35
CA GLU A 381 -6.29 35.91 -18.97
C GLU A 381 -7.34 35.34 -18.03
N GLY A 382 -6.88 34.51 -17.10
CA GLY A 382 -7.75 33.88 -16.14
C GLY A 382 -8.28 32.53 -16.57
N TYR A 383 -8.17 32.23 -17.86
CA TYR A 383 -8.66 30.96 -18.40
C TYR A 383 -7.50 30.22 -19.05
N ARG A 384 -7.47 28.91 -18.84
CA ARG A 384 -6.35 28.06 -19.21
C ARG A 384 -6.88 26.77 -19.79
N PHE A 385 -6.28 26.31 -20.89
CA PHE A 385 -6.49 24.95 -21.38
C PHE A 385 -5.21 24.18 -21.12
N ILE A 386 -5.30 23.06 -20.41
CA ILE A 386 -4.17 22.17 -20.21
C ILE A 386 -4.40 20.87 -20.93
N ALA A 387 -3.34 20.38 -21.54
CA ALA A 387 -3.29 19.03 -22.12
C ALA A 387 -2.07 18.35 -21.60
N SER A 388 -2.16 17.04 -21.43
CA SER A 388 -1.17 16.25 -20.74
C SER A 388 -1.08 14.85 -21.27
N TYR A 389 0.13 14.31 -21.29
CA TYR A 389 0.33 12.90 -21.56
C TYR A 389 1.40 12.37 -20.64
N GLY A 390 1.26 11.11 -20.20
CA GLY A 390 2.35 10.48 -19.44
C GLY A 390 2.29 8.97 -19.35
N THR A 391 3.40 8.32 -19.03
CA THR A 391 3.37 6.88 -18.77
C THR A 391 3.74 6.60 -17.33
N SER A 392 3.19 5.54 -16.73
CA SER A 392 3.42 5.20 -15.33
C SER A 392 3.30 3.69 -15.11
N TYR A 393 3.86 3.15 -14.03
CA TYR A 393 3.86 1.71 -13.85
C TYR A 393 3.76 1.26 -12.40
N LYS A 394 3.40 0.00 -12.18
CA LYS A 394 3.46 -0.63 -10.86
C LYS A 394 4.39 -1.84 -10.91
N ALA A 395 5.35 -1.88 -10.02
CA ALA A 395 6.18 -3.05 -9.97
C ALA A 395 5.32 -4.20 -9.49
N PRO A 396 5.75 -5.41 -9.79
CA PRO A 396 5.17 -6.60 -9.17
C PRO A 396 5.62 -6.70 -7.72
N ASN A 397 4.80 -7.37 -6.90
CA ASN A 397 5.03 -7.48 -5.47
C ASN A 397 5.40 -8.86 -4.97
N LEU A 398 5.94 -8.89 -3.76
CA LEU A 398 6.45 -10.08 -3.08
C LEU A 398 5.79 -11.40 -3.37
N GLY A 399 4.49 -11.46 -3.17
CA GLY A 399 3.76 -12.70 -3.35
C GLY A 399 3.73 -12.99 -4.82
N GLN A 400 3.45 -11.97 -5.61
CA GLN A 400 3.39 -12.14 -7.05
C GLN A 400 4.63 -12.81 -7.62
N LEU A 401 5.79 -12.55 -7.04
CA LEU A 401 7.03 -13.02 -7.61
C LEU A 401 7.52 -14.30 -6.97
N TYR A 402 7.30 -14.41 -5.65
CA TYR A 402 8.00 -15.41 -4.82
C TYR A 402 7.10 -16.35 -4.00
N GLY A 403 5.78 -16.12 -4.02
CA GLY A 403 4.81 -17.02 -3.42
C GLY A 403 4.77 -18.37 -4.09
N PHE A 404 3.85 -19.22 -3.66
CA PHE A 404 3.58 -20.47 -4.35
C PHE A 404 2.95 -20.18 -5.71
N TYR A 405 2.08 -19.18 -5.73
CA TYR A 405 1.50 -18.67 -6.97
C TYR A 405 2.51 -17.77 -7.75
N GLY A 406 3.75 -17.68 -7.28
CA GLY A 406 4.72 -16.73 -7.83
C GLY A 406 5.23 -16.98 -9.23
N ASN A 407 5.89 -15.95 -9.77
CA ASN A 407 6.42 -15.95 -11.13
C ASN A 407 7.45 -14.85 -11.12
N PRO A 408 8.74 -15.17 -10.98
CA PRO A 408 9.71 -14.17 -10.60
C PRO A 408 10.24 -13.35 -11.81
N ASN A 409 9.75 -13.67 -13.00
CA ASN A 409 10.05 -12.95 -14.22
C ASN A 409 8.87 -12.14 -14.71
N LEU A 410 8.09 -11.52 -13.83
CA LEU A 410 6.99 -10.66 -14.28
C LEU A 410 7.52 -9.29 -14.64
N ASP A 411 6.80 -8.64 -15.54
CA ASP A 411 7.06 -7.26 -15.94
C ASP A 411 6.21 -6.34 -15.10
N PRO A 412 6.62 -5.09 -14.99
CA PRO A 412 5.76 -4.07 -14.40
C PRO A 412 4.44 -4.04 -15.10
N GLU A 413 3.38 -3.68 -14.39
CA GLU A 413 2.15 -3.29 -15.06
C GLU A 413 2.45 -1.88 -15.57
N LYS A 414 2.03 -1.58 -16.81
CA LYS A 414 2.35 -0.34 -17.53
C LYS A 414 1.08 0.48 -17.73
N SER A 415 1.18 1.80 -17.73
CA SER A 415 0.02 2.68 -17.94
C SER A 415 0.35 3.86 -18.85
N LYS A 416 -0.43 4.04 -19.92
CA LYS A 416 -0.31 5.22 -20.76
C LYS A 416 -1.52 6.11 -20.47
N GLN A 417 -1.28 7.40 -20.27
CA GLN A 417 -2.25 8.33 -19.66
C GLN A 417 -2.44 9.63 -20.49
N TRP A 418 -3.67 10.12 -20.57
CA TRP A 418 -3.98 11.23 -21.45
C TRP A 418 -5.04 12.13 -20.79
N GLU A 419 -4.84 13.44 -20.82
CA GLU A 419 -5.74 14.32 -20.09
C GLU A 419 -5.94 15.69 -20.74
N GLY A 420 -7.19 16.12 -20.80
CA GLY A 420 -7.56 17.44 -21.29
C GLY A 420 -8.35 18.21 -20.24
N ALA A 421 -8.15 19.52 -20.18
CA ALA A 421 -8.69 20.32 -19.08
C ALA A 421 -8.93 21.76 -19.44
N PHE A 422 -9.96 22.36 -18.88
CA PHE A 422 -10.09 23.81 -18.96
C PHE A 422 -10.36 24.33 -17.56
N GLU A 423 -9.47 25.17 -17.04
CA GLU A 423 -9.74 25.83 -15.76
C GLU A 423 -9.96 27.31 -15.96
N GLY A 424 -10.90 27.87 -15.21
CA GLY A 424 -11.18 29.29 -15.27
C GLY A 424 -11.44 29.92 -13.92
N LEU A 425 -11.26 31.23 -13.88
CA LEU A 425 -11.68 32.02 -12.75
C LEU A 425 -12.66 33.06 -13.33
N THR A 426 -13.94 32.89 -12.99
CA THR A 426 -14.98 33.83 -13.38
C THR A 426 -15.87 34.13 -12.20
N ALA A 427 -16.32 35.40 -12.12
CA ALA A 427 -17.33 35.84 -11.15
C ALA A 427 -17.07 35.48 -9.70
N GLY A 428 -15.78 35.30 -9.32
CA GLY A 428 -15.41 34.87 -7.98
C GLY A 428 -15.61 33.38 -7.73
N VAL A 429 -15.38 32.58 -8.77
CA VAL A 429 -15.69 31.15 -8.76
C VAL A 429 -14.58 30.38 -9.42
N ASN A 430 -13.90 29.54 -8.68
CA ASN A 430 -12.77 28.80 -9.22
C ASN A 430 -13.21 27.44 -9.62
N TRP A 431 -12.86 27.04 -10.85
CA TRP A 431 -13.41 25.82 -11.43
C TRP A 431 -12.53 25.12 -12.44
N ARG A 432 -12.86 23.85 -12.67
CA ARG A 432 -12.23 22.98 -13.67
C ARG A 432 -13.18 21.91 -14.21
N ILE A 433 -13.13 21.67 -15.53
CA ILE A 433 -13.72 20.49 -16.16
C ILE A 433 -12.58 19.76 -16.85
N SER A 434 -12.49 18.45 -16.66
CA SER A 434 -11.38 17.68 -17.25
C SER A 434 -11.85 16.27 -17.62
N GLY A 435 -11.34 15.77 -18.74
CA GLY A 435 -11.53 14.38 -19.14
C GLY A 435 -10.19 13.69 -19.29
N TYR A 436 -10.12 12.43 -18.90
CA TYR A 436 -8.87 11.64 -18.96
C TYR A 436 -9.11 10.23 -19.48
N ARG A 437 -8.09 9.77 -20.20
CA ARG A 437 -7.99 8.44 -20.78
C ARG A 437 -6.91 7.70 -20.03
N ASN A 438 -7.06 6.42 -19.80
CA ASN A 438 -6.03 5.69 -19.08
C ASN A 438 -6.08 4.24 -19.45
N ASP A 439 -5.11 3.83 -20.26
CA ASP A 439 -5.03 2.50 -20.83
C ASP A 439 -3.89 1.80 -20.13
N VAL A 440 -4.24 1.02 -19.12
CA VAL A 440 -3.31 0.16 -18.42
C VAL A 440 -3.18 -1.21 -19.14
N SER A 441 -2.00 -1.81 -18.97
CA SER A 441 -1.56 -2.98 -19.72
C SER A 441 -0.67 -3.83 -18.84
N ASP A 442 -0.48 -5.09 -19.23
CA ASP A 442 0.33 -6.07 -18.49
C ASP A 442 -0.20 -6.41 -17.08
N LEU A 443 -1.44 -6.06 -16.80
CA LEU A 443 -1.98 -6.20 -15.45
C LEU A 443 -1.77 -7.62 -14.97
N ILE A 444 -1.18 -7.74 -13.79
CA ILE A 444 -0.77 -9.01 -13.24
C ILE A 444 -1.97 -9.75 -12.60
N ASP A 445 -2.30 -10.90 -13.16
CA ASP A 445 -3.55 -11.57 -12.90
C ASP A 445 -3.34 -13.03 -12.50
N TYR A 446 -4.06 -13.49 -11.47
CA TYR A 446 -4.06 -14.90 -11.09
C TYR A 446 -4.74 -15.75 -12.13
N ASP A 447 -4.38 -17.02 -12.16
CA ASP A 447 -4.94 -18.00 -13.06
C ASP A 447 -5.34 -19.19 -12.20
N ASP A 448 -6.63 -19.47 -12.11
CA ASP A 448 -7.11 -20.61 -11.35
C ASP A 448 -6.49 -21.90 -11.89
N HIS A 449 -6.56 -22.08 -13.21
CA HIS A 449 -6.09 -23.31 -13.85
C HIS A 449 -4.65 -23.67 -13.44
N THR A 450 -3.70 -22.80 -13.73
CA THR A 450 -2.27 -23.13 -13.55
C THR A 450 -1.74 -22.83 -12.15
N LEU A 451 -2.60 -22.31 -11.27
CA LEU A 451 -2.22 -21.76 -9.97
C LEU A 451 -1.03 -20.82 -10.06
N LYS A 452 -1.05 -19.87 -10.98
CA LYS A 452 0.07 -18.92 -11.13
C LYS A 452 -0.31 -17.50 -11.56
N TYR A 453 0.67 -16.62 -11.49
CA TYR A 453 0.50 -15.21 -11.90
C TYR A 453 1.20 -15.01 -13.27
N TYR A 454 0.64 -14.12 -14.06
CA TYR A 454 1.13 -13.83 -15.42
C TYR A 454 0.77 -12.39 -15.80
N ASN A 455 1.40 -11.89 -16.85
CA ASN A 455 1.18 -10.51 -17.22
C ASN A 455 -0.02 -10.22 -18.13
N GLU A 456 -0.53 -11.15 -18.94
CA GLU A 456 -1.70 -10.78 -19.77
C GLU A 456 -2.76 -10.06 -18.92
N GLY A 457 -3.44 -9.04 -19.46
CA GLY A 457 -4.49 -8.30 -18.72
C GLY A 457 -4.52 -6.82 -18.99
N LYS A 458 -5.70 -6.20 -19.21
CA LYS A 458 -5.78 -4.80 -19.68
C LYS A 458 -7.01 -3.98 -19.20
N ALA A 459 -6.87 -2.66 -19.02
CA ALA A 459 -8.03 -1.83 -18.65
C ALA A 459 -8.19 -0.46 -19.36
N ARG A 460 -9.37 -0.20 -19.90
CA ARG A 460 -9.72 1.10 -20.48
C ARG A 460 -10.43 1.93 -19.41
N ILE A 461 -9.88 3.10 -19.07
CA ILE A 461 -10.53 4.03 -18.15
C ILE A 461 -10.69 5.40 -18.79
N LYS A 462 -11.94 5.75 -19.08
CA LYS A 462 -12.30 7.09 -19.50
C LYS A 462 -13.06 7.72 -18.36
N GLY A 463 -12.60 8.86 -17.87
CA GLY A 463 -13.29 9.48 -16.75
C GLY A 463 -13.31 10.99 -16.82
N VAL A 464 -14.28 11.59 -16.16
CA VAL A 464 -14.36 13.04 -16.07
C VAL A 464 -14.35 13.54 -14.63
N GLU A 465 -13.95 14.80 -14.50
CA GLU A 465 -13.70 15.44 -13.22
C GLU A 465 -14.11 16.90 -13.36
N ALA A 466 -15.09 17.32 -12.58
CA ALA A 466 -15.46 18.72 -12.50
C ALA A 466 -15.28 19.17 -11.07
N THR A 467 -14.50 20.23 -10.87
CA THR A 467 -14.34 20.80 -9.54
C THR A 467 -14.74 22.23 -9.66
N ALA A 468 -15.29 22.77 -8.59
CA ALA A 468 -15.53 24.20 -8.49
C ALA A 468 -15.62 24.60 -7.02
N ASN A 469 -15.61 25.88 -6.72
CA ASN A 469 -15.79 26.31 -5.34
C ASN A 469 -15.84 27.84 -5.24
N PHE A 470 -16.63 28.35 -4.31
CA PHE A 470 -17.07 29.75 -4.40
C PHE A 470 -17.70 30.25 -3.13
N ASP A 471 -17.93 31.56 -3.11
CA ASP A 471 -18.50 32.22 -1.96
C ASP A 471 -19.89 32.80 -2.25
N THR A 472 -20.77 32.68 -1.28
CA THR A 472 -22.03 33.40 -1.28
C THR A 472 -22.31 33.80 0.16
N GLY A 473 -22.54 35.09 0.40
CA GLY A 473 -22.82 35.53 1.75
C GLY A 473 -21.62 35.12 2.59
N PRO A 474 -21.80 34.73 3.85
CA PRO A 474 -20.65 34.32 4.69
C PRO A 474 -20.43 32.82 4.60
N LEU A 475 -20.56 32.32 3.37
CA LEU A 475 -21.03 30.97 3.05
C LEU A 475 -20.17 30.42 1.91
N THR A 476 -19.43 29.33 2.17
CA THR A 476 -18.34 28.85 1.29
C THR A 476 -18.54 27.42 0.86
N HIS A 477 -18.45 27.17 -0.45
CA HIS A 477 -18.71 25.84 -0.99
C HIS A 477 -17.46 25.25 -1.64
N THR A 478 -17.20 23.96 -1.43
CA THR A 478 -16.26 23.19 -2.26
C THR A 478 -16.93 22.02 -2.96
N VAL A 479 -17.59 22.29 -4.08
CA VAL A 479 -18.24 21.24 -4.85
C VAL A 479 -17.27 20.53 -5.77
N SER A 480 -17.68 19.37 -6.24
CA SER A 480 -16.99 18.66 -7.30
C SER A 480 -17.83 17.46 -7.76
N TYR A 481 -17.43 16.88 -8.88
CA TYR A 481 -18.18 15.80 -9.48
C TYR A 481 -17.24 14.91 -10.26
N ASP A 482 -17.40 13.60 -10.10
CA ASP A 482 -16.64 12.66 -10.88
C ASP A 482 -17.54 11.71 -11.56
N TYR A 483 -17.24 11.46 -12.82
CA TYR A 483 -17.72 10.27 -13.48
C TYR A 483 -16.48 9.52 -13.91
N VAL A 484 -16.40 8.27 -13.49
CA VAL A 484 -15.39 7.37 -13.99
C VAL A 484 -16.08 6.10 -14.45
N ASP A 485 -15.54 5.54 -15.53
CA ASP A 485 -16.03 4.30 -16.13
C ASP A 485 -14.76 3.50 -16.40
N ALA A 486 -14.45 2.60 -15.47
CA ALA A 486 -13.32 1.71 -15.62
C ALA A 486 -13.81 0.38 -16.18
N ARG A 487 -13.00 -0.24 -17.04
CA ARG A 487 -13.39 -1.45 -17.79
C ARG A 487 -12.19 -2.34 -18.11
N ASN A 488 -12.36 -3.65 -18.04
CA ASN A 488 -11.42 -4.58 -18.68
C ASN A 488 -11.47 -4.23 -20.16
N ALA A 489 -10.33 -4.03 -20.83
CA ALA A 489 -10.28 -3.85 -22.29
C ALA A 489 -10.29 -5.17 -23.08
N ILE A 490 -10.96 -6.19 -22.55
CA ILE A 490 -11.11 -7.41 -23.29
C ILE A 490 -12.59 -7.80 -23.21
N THR A 491 -13.08 -8.03 -22.00
CA THR A 491 -14.49 -8.29 -21.75
C THR A 491 -15.38 -7.03 -21.91
N ASP A 492 -14.77 -5.84 -22.06
CA ASP A 492 -15.47 -4.55 -22.09
C ASP A 492 -16.49 -4.35 -20.95
N THR A 493 -16.29 -4.97 -19.80
CA THR A 493 -17.24 -4.81 -18.70
C THR A 493 -16.61 -4.12 -17.51
N PRO A 494 -17.45 -3.43 -16.71
CA PRO A 494 -16.98 -2.75 -15.51
C PRO A 494 -15.93 -3.51 -14.69
N LEU A 495 -14.98 -2.76 -14.16
CA LEU A 495 -14.19 -3.28 -13.07
C LEU A 495 -15.18 -3.28 -11.93
N LEU A 496 -15.25 -4.38 -11.20
CA LEU A 496 -16.10 -4.42 -10.02
C LEU A 496 -15.68 -3.30 -9.05
N ARG A 497 -16.63 -2.84 -8.25
CA ARG A 497 -16.35 -2.20 -6.96
C ARG A 497 -16.05 -0.70 -7.02
N ARG A 498 -15.86 -0.17 -8.22
CA ARG A 498 -15.79 1.27 -8.42
C ARG A 498 -17.20 1.84 -8.42
N ALA A 499 -17.30 3.16 -8.26
CA ALA A 499 -18.59 3.85 -8.26
C ALA A 499 -18.70 4.70 -9.52
N LYS A 500 -19.75 4.45 -10.30
CA LYS A 500 -19.86 5.07 -11.61
C LYS A 500 -19.65 6.57 -11.46
N GLN A 501 -20.25 7.15 -10.42
CA GLN A 501 -20.04 8.57 -10.09
C GLN A 501 -20.16 8.87 -8.59
N GLN A 502 -19.44 9.90 -8.13
CA GLN A 502 -19.67 10.46 -6.80
C GLN A 502 -19.84 11.99 -6.88
N VAL A 503 -20.65 12.54 -6.00
CA VAL A 503 -20.77 13.99 -5.88
C VAL A 503 -20.39 14.35 -4.46
N LYS A 504 -19.42 15.27 -4.37
CA LYS A 504 -18.80 15.68 -3.13
C LYS A 504 -19.02 17.19 -2.96
N TYR A 505 -19.64 17.56 -1.83
CA TYR A 505 -20.02 18.97 -1.55
C TYR A 505 -19.72 19.38 -0.12
N GLN A 506 -19.25 20.60 0.05
CA GLN A 506 -18.92 21.10 1.39
C GLN A 506 -19.54 22.47 1.62
N LEU A 507 -19.89 22.76 2.87
CA LEU A 507 -20.62 23.98 3.19
C LEU A 507 -20.21 24.56 4.51
N ASP A 508 -19.72 25.79 4.44
CA ASP A 508 -19.00 26.37 5.54
C ASP A 508 -19.58 27.73 5.83
N TRP A 509 -20.13 27.91 7.02
CA TRP A 509 -20.27 29.25 7.56
C TRP A 509 -19.86 29.26 9.01
N GLN A 510 -19.20 30.33 9.43
CA GLN A 510 -19.10 30.64 10.84
C GLN A 510 -20.17 31.74 11.11
N LEU A 511 -21.25 31.40 11.83
CA LEU A 511 -22.33 32.35 12.13
C LEU A 511 -22.56 32.51 13.64
N TYR A 512 -22.58 33.79 14.06
CA TYR A 512 -22.50 34.22 15.47
C TYR A 512 -21.36 33.50 16.21
N ASP A 513 -20.21 33.41 15.55
CA ASP A 513 -19.01 32.78 16.14
C ASP A 513 -19.10 31.26 16.24
N PHE A 514 -20.25 30.68 15.89
CA PHE A 514 -20.37 29.23 15.70
C PHE A 514 -19.85 28.91 14.30
N ASP A 515 -18.86 28.02 14.20
CA ASP A 515 -18.35 27.52 12.93
C ASP A 515 -19.12 26.26 12.56
N TRP A 516 -19.56 26.18 11.32
CA TRP A 516 -20.46 25.11 10.93
C TRP A 516 -19.85 24.45 9.72
N GLY A 517 -20.36 23.27 9.43
CA GLY A 517 -19.96 22.49 8.29
C GLY A 517 -21.00 21.43 7.98
N ILE A 518 -21.54 21.48 6.77
CA ILE A 518 -22.50 20.48 6.30
C ILE A 518 -21.82 19.82 5.15
N THR A 519 -21.51 18.55 5.28
CA THR A 519 -20.73 17.91 4.25
C THR A 519 -21.46 16.72 3.75
N TYR A 520 -21.61 16.70 2.45
CA TYR A 520 -22.56 15.86 1.78
C TYR A 520 -21.95 15.15 0.58
N GLN A 521 -22.29 13.89 0.44
CA GLN A 521 -21.76 13.04 -0.60
C GLN A 521 -22.86 12.09 -1.04
N TYR A 522 -23.22 12.17 -2.32
CA TYR A 522 -23.90 11.06 -2.97
C TYR A 522 -22.88 10.13 -3.58
N LEU A 523 -22.67 8.99 -2.95
CA LEU A 523 -21.98 7.86 -3.57
C LEU A 523 -22.83 7.16 -4.63
N GLY A 524 -22.21 6.89 -5.78
CA GLY A 524 -22.89 6.27 -6.90
C GLY A 524 -23.02 4.76 -6.78
N THR A 525 -23.41 4.14 -7.88
CA THR A 525 -23.68 2.71 -7.91
C THR A 525 -22.41 1.86 -8.15
N ARG A 526 -22.32 0.76 -7.41
CA ARG A 526 -21.12 -0.08 -7.43
C ARG A 526 -21.53 -1.55 -7.44
N TYR A 527 -20.77 -2.35 -8.17
CA TYR A 527 -21.01 -3.77 -8.30
C TYR A 527 -19.94 -4.53 -7.55
N ASP A 528 -20.33 -5.39 -6.62
CA ASP A 528 -19.36 -6.29 -5.97
C ASP A 528 -19.76 -7.72 -6.19
N LYS A 529 -18.95 -8.65 -5.68
CA LYS A 529 -19.29 -10.07 -5.60
C LYS A 529 -20.17 -10.29 -4.35
N ASP A 530 -21.25 -11.07 -4.50
CA ASP A 530 -22.01 -11.54 -3.33
C ASP A 530 -21.34 -12.79 -2.76
N TYR A 531 -20.56 -12.56 -1.71
CA TYR A 531 -19.90 -13.60 -0.94
C TYR A 531 -20.79 -14.78 -0.34
N SER A 532 -22.13 -14.75 -0.51
CA SER A 532 -23.06 -15.61 0.26
C SER A 532 -23.61 -16.89 -0.41
N SER A 533 -23.70 -16.92 -1.73
CA SER A 533 -24.14 -18.13 -2.44
C SER A 533 -23.19 -18.49 -3.56
N TYR A 534 -22.33 -19.48 -3.34
CA TYR A 534 -21.51 -20.02 -4.41
C TYR A 534 -22.43 -20.74 -5.41
N PRO A 535 -22.26 -20.55 -6.72
CA PRO A 535 -21.29 -19.61 -7.32
C PRO A 535 -21.74 -18.16 -7.24
N TYR A 536 -20.91 -17.31 -6.63
CA TYR A 536 -21.25 -15.91 -6.34
C TYR A 536 -21.60 -15.09 -7.60
N GLN A 537 -22.72 -14.37 -7.55
CA GLN A 537 -23.10 -13.42 -8.62
C GLN A 537 -22.66 -11.98 -8.27
N THR A 538 -23.45 -10.96 -8.62
CA THR A 538 -22.92 -9.60 -8.71
C THR A 538 -23.52 -8.52 -7.79
N VAL A 539 -24.80 -8.65 -7.45
CA VAL A 539 -25.71 -7.55 -7.03
C VAL A 539 -25.27 -6.06 -7.08
N LYS A 540 -26.10 -5.22 -7.72
CA LYS A 540 -25.98 -3.76 -7.68
C LYS A 540 -26.17 -3.27 -6.26
N MET A 541 -25.27 -2.39 -5.84
CA MET A 541 -25.38 -1.76 -4.56
C MET A 541 -26.10 -0.42 -4.79
N GLY A 542 -27.08 -0.12 -3.94
CA GLY A 542 -27.77 1.15 -3.99
C GLY A 542 -26.77 2.30 -4.08
N GLY A 543 -27.13 3.31 -4.87
CA GLY A 543 -26.41 4.56 -4.89
C GLY A 543 -27.03 5.45 -3.82
N VAL A 544 -26.25 5.84 -2.81
CA VAL A 544 -26.80 6.56 -1.66
C VAL A 544 -26.17 7.93 -1.41
N SER A 545 -26.85 8.68 -0.54
CA SER A 545 -26.58 10.08 -0.24
C SER A 545 -26.27 10.18 1.26
N LEU A 546 -25.29 11.01 1.63
CA LEU A 546 -24.60 10.89 2.92
C LEU A 546 -24.22 12.20 3.59
N TRP A 547 -25.13 12.75 4.38
CA TRP A 547 -24.92 14.03 5.04
C TRP A 547 -24.13 13.87 6.33
N ASP A 548 -23.34 14.89 6.66
CA ASP A 548 -22.61 15.01 7.91
C ASP A 548 -22.75 16.44 8.42
N LEU A 549 -22.89 16.63 9.72
CA LEU A 549 -22.97 17.98 10.28
C LEU A 549 -21.99 18.18 11.41
N ALA A 550 -21.37 19.36 11.43
CA ALA A 550 -20.17 19.64 12.23
C ALA A 550 -20.15 21.10 12.70
N VAL A 551 -19.93 21.30 13.99
CA VAL A 551 -19.78 22.64 14.52
C VAL A 551 -18.69 22.73 15.54
N ALA A 552 -18.38 23.97 15.90
CA ALA A 552 -17.18 24.30 16.66
C ALA A 552 -17.37 25.70 17.20
N TYR A 553 -17.00 25.91 18.47
CA TYR A 553 -17.25 27.18 19.13
C TYR A 553 -16.06 27.56 20.00
N PRO A 554 -15.54 28.77 19.86
CA PRO A 554 -14.54 29.26 20.83
C PRO A 554 -15.23 29.64 22.13
N VAL A 555 -14.88 28.91 23.18
CA VAL A 555 -15.41 29.16 24.51
C VAL A 555 -14.42 30.09 25.20
N THR A 556 -13.42 30.55 24.44
CA THR A 556 -12.20 31.19 24.94
C THR A 556 -11.21 31.24 23.78
N SER A 557 -10.31 32.22 23.78
CA SER A 557 -9.32 32.33 22.70
C SER A 557 -8.31 31.16 22.63
N HIS A 558 -8.21 30.37 23.71
CA HIS A 558 -7.43 29.11 23.79
C HIS A 558 -8.23 27.80 23.59
N LEU A 559 -9.52 27.79 23.95
CA LEU A 559 -10.28 26.53 24.01
C LEU A 559 -11.43 26.51 23.02
N THR A 560 -11.36 25.63 22.03
CA THR A 560 -12.48 25.34 21.14
C THR A 560 -13.21 24.03 21.56
N VAL A 561 -14.53 24.03 21.56
CA VAL A 561 -15.27 22.78 21.64
C VAL A 561 -15.80 22.49 20.25
N ARG A 562 -15.63 21.25 19.81
CA ARG A 562 -16.08 20.80 18.50
C ARG A 562 -17.12 19.69 18.70
N GLY A 563 -18.28 19.78 18.05
CA GLY A 563 -19.15 18.63 17.98
C GLY A 563 -19.29 18.12 16.57
N LYS A 564 -19.82 16.91 16.39
CA LYS A 564 -20.14 16.40 15.04
C LYS A 564 -21.17 15.27 15.04
N ILE A 565 -21.88 15.13 13.93
CA ILE A 565 -22.57 13.91 13.64
C ILE A 565 -22.24 13.47 12.24
N ALA A 566 -21.58 12.33 12.11
CA ALA A 566 -21.48 11.65 10.80
C ALA A 566 -22.75 10.85 10.54
N ASN A 567 -23.03 10.63 9.26
CA ASN A 567 -24.21 9.90 8.81
C ASN A 567 -25.52 10.47 9.33
N LEU A 568 -25.71 11.78 9.18
CA LEU A 568 -26.79 12.46 9.89
C LEU A 568 -28.08 11.66 9.90
N PHE A 569 -28.52 11.19 8.74
CA PHE A 569 -29.83 10.53 8.58
C PHE A 569 -29.83 9.01 8.85
N ASP A 570 -28.91 8.54 9.69
CA ASP A 570 -28.71 7.11 9.92
C ASP A 570 -28.70 6.25 8.63
N LYS A 571 -28.45 6.86 7.46
CA LYS A 571 -28.77 6.21 6.18
C LYS A 571 -27.72 5.25 5.74
N ASP A 572 -27.76 4.08 6.37
CA ASP A 572 -26.78 3.01 6.24
C ASP A 572 -26.87 2.07 5.05
N TYR A 573 -25.68 1.63 4.68
CA TYR A 573 -25.35 0.93 3.45
C TYR A 573 -23.88 0.46 3.56
N GLU A 574 -23.27 0.01 2.45
CA GLU A 574 -21.89 -0.53 2.47
C GLU A 574 -20.99 -0.17 1.25
N THR A 575 -19.67 -0.32 1.43
CA THR A 575 -18.73 -0.18 0.32
C THR A 575 -18.10 -1.54 -0.09
N VAL A 576 -18.06 -2.48 0.83
CA VAL A 576 -17.76 -3.87 0.48
C VAL A 576 -18.97 -4.71 0.86
N TYR A 577 -19.60 -5.33 -0.14
CA TYR A 577 -20.80 -6.12 0.13
C TYR A 577 -20.63 -7.05 1.35
N GLY A 578 -21.60 -6.94 2.24
CA GLY A 578 -21.70 -7.82 3.39
C GLY A 578 -21.11 -7.27 4.66
N TYR A 579 -20.48 -6.08 4.58
CA TYR A 579 -19.79 -5.46 5.72
C TYR A 579 -20.47 -4.19 6.23
N GLN A 580 -20.93 -4.23 7.47
CA GLN A 580 -21.62 -3.12 8.11
C GLN A 580 -20.77 -1.87 8.16
N THR A 581 -21.42 -0.71 7.94
CA THR A 581 -20.81 0.62 7.98
C THR A 581 -21.46 1.45 9.06
N ALA A 582 -20.63 1.95 9.97
CA ALA A 582 -21.13 2.76 11.08
C ALA A 582 -22.33 3.65 10.68
N GLY A 583 -23.36 3.66 11.53
CA GLY A 583 -24.51 4.53 11.31
C GLY A 583 -24.33 5.87 11.98
N ARG A 584 -25.43 6.54 12.29
CA ARG A 584 -25.33 7.87 12.90
C ARG A 584 -24.43 7.73 14.12
N GLU A 585 -23.40 8.58 14.16
CA GLU A 585 -22.39 8.54 15.22
C GLU A 585 -22.03 9.96 15.66
N TYR A 586 -21.97 10.18 16.96
CA TYR A 586 -21.72 11.52 17.48
C TYR A 586 -20.34 11.60 18.10
N THR A 587 -19.70 12.75 17.92
CA THR A 587 -18.35 12.99 18.41
C THR A 587 -18.29 14.35 19.05
N LEU A 588 -18.10 14.36 20.36
CA LEU A 588 -17.92 15.58 21.12
C LEU A 588 -16.45 15.66 21.45
N SER A 589 -15.81 16.75 21.06
CA SER A 589 -14.36 16.90 21.18
C SER A 589 -14.00 18.32 21.67
N GLY A 590 -12.78 18.50 22.15
CA GLY A 590 -12.33 19.80 22.64
C GLY A 590 -10.85 19.94 22.42
N SER A 591 -10.35 21.15 22.20
CA SER A 591 -8.90 21.37 22.13
C SER A 591 -8.46 22.70 22.70
N TYR A 592 -7.27 22.73 23.30
CA TYR A 592 -6.79 23.86 24.09
C TYR A 592 -5.38 24.27 23.65
N THR A 593 -5.27 25.42 22.99
CA THR A 593 -3.98 25.90 22.47
C THR A 593 -3.39 27.05 23.26
N PHE A 594 -2.06 27.10 23.32
CA PHE A 594 -1.28 28.13 24.03
C PHE A 594 0.23 28.13 23.63
N TYR B 10 47.10 -75.05 -7.42
CA TYR B 10 45.64 -74.94 -7.11
C TYR B 10 45.35 -73.97 -5.95
N GLU B 11 46.28 -73.83 -5.00
CA GLU B 11 46.02 -73.02 -3.80
C GLU B 11 46.20 -71.51 -4.05
N ARG B 12 46.76 -71.16 -5.20
CA ARG B 12 46.73 -69.80 -5.73
C ARG B 12 45.30 -69.36 -6.05
N ALA B 13 44.39 -70.33 -6.20
CA ALA B 13 42.97 -70.12 -6.58
C ALA B 13 41.95 -70.24 -5.44
N ARG B 14 42.28 -70.99 -4.38
CA ARG B 14 41.42 -71.07 -3.21
C ARG B 14 41.51 -69.82 -2.32
N ALA B 15 42.49 -68.96 -2.57
CA ALA B 15 42.51 -67.60 -2.00
C ALA B 15 41.70 -66.62 -2.85
N GLU B 16 41.50 -66.97 -4.12
CA GLU B 16 40.64 -66.19 -5.04
C GLU B 16 39.16 -66.59 -4.97
N LEU B 17 38.82 -67.55 -4.13
CA LEU B 17 37.44 -67.81 -3.72
C LEU B 17 37.25 -67.31 -2.28
N ASN B 18 38.30 -67.44 -1.48
CA ASN B 18 38.35 -66.98 -0.08
C ASN B 18 38.21 -65.46 0.03
N GLN B 19 38.66 -64.74 -0.99
CA GLN B 19 38.56 -63.28 -1.05
C GLN B 19 37.34 -62.85 -1.88
N ALA B 20 36.95 -63.67 -2.86
CA ALA B 20 35.72 -63.46 -3.61
C ALA B 20 34.45 -63.60 -2.74
N ASN B 21 34.43 -64.55 -1.83
CA ASN B 21 33.33 -64.69 -0.88
C ASN B 21 33.29 -63.50 0.08
N GLU B 22 34.47 -62.98 0.40
CA GLU B 22 34.62 -61.78 1.23
C GLU B 22 34.17 -60.47 0.50
N ASP B 23 34.13 -60.51 -0.84
CA ASP B 23 33.65 -59.37 -1.65
C ASP B 23 32.13 -59.33 -1.73
N VAL B 24 31.47 -60.48 -1.82
CA VAL B 24 30.01 -60.51 -1.76
C VAL B 24 29.51 -60.25 -0.33
N ALA B 25 30.34 -60.52 0.67
CA ALA B 25 29.98 -60.19 2.05
C ALA B 25 29.86 -58.66 2.22
N ARG B 26 30.87 -57.92 1.81
CA ARG B 26 30.81 -56.44 1.94
C ARG B 26 29.70 -55.82 1.06
N ASN B 27 29.41 -56.42 -0.09
CA ASN B 27 28.37 -55.94 -1.02
C ASN B 27 26.95 -56.33 -0.61
N GLN B 28 26.83 -57.24 0.35
CA GLN B 28 25.53 -57.67 0.85
C GLN B 28 25.09 -56.72 1.93
N GLU B 29 26.04 -56.35 2.79
CA GLU B 29 25.86 -55.36 3.85
C GLU B 29 25.66 -54.00 3.23
N ARG B 30 26.35 -53.76 2.12
CA ARG B 30 26.27 -52.50 1.37
C ARG B 30 24.97 -52.40 0.53
N GLN B 31 24.22 -53.49 0.42
CA GLN B 31 22.89 -53.55 -0.19
C GLN B 31 21.78 -53.46 0.86
N ALA B 32 22.04 -54.04 2.01
CA ALA B 32 21.07 -54.08 3.09
C ALA B 32 20.99 -52.70 3.71
N LYS B 33 22.13 -51.99 3.74
CA LYS B 33 22.21 -50.60 4.21
C LYS B 33 21.52 -49.65 3.22
N ALA B 34 21.68 -49.92 1.93
CA ALA B 34 20.99 -49.17 0.88
C ALA B 34 19.49 -49.53 0.69
N VAL B 35 18.99 -50.61 1.28
CA VAL B 35 17.54 -50.89 1.22
C VAL B 35 16.80 -50.19 2.38
N GLN B 36 17.39 -50.21 3.58
CA GLN B 36 16.93 -49.41 4.73
C GLN B 36 16.92 -47.88 4.43
N VAL B 37 17.97 -47.36 3.79
CA VAL B 37 18.05 -45.98 3.39
C VAL B 37 17.00 -45.69 2.29
N TYR B 38 16.83 -46.62 1.36
CA TYR B 38 15.85 -46.45 0.30
C TYR B 38 14.41 -46.43 0.84
N ASN B 39 14.03 -47.40 1.69
CA ASN B 39 12.65 -47.49 2.20
C ASN B 39 12.30 -46.33 3.13
N SER B 40 13.32 -45.80 3.82
CA SER B 40 13.20 -44.63 4.69
C SER B 40 12.79 -43.41 3.88
N ARG B 41 13.42 -43.28 2.71
CA ARG B 41 13.29 -42.11 1.84
C ARG B 41 11.94 -42.04 1.13
N LYS B 42 11.55 -43.16 0.51
CA LYS B 42 10.26 -43.31 -0.15
C LYS B 42 9.16 -43.04 0.86
N SER B 43 9.44 -43.35 2.13
CA SER B 43 8.50 -43.15 3.23
C SER B 43 8.28 -41.68 3.58
N GLU B 44 9.39 -40.97 3.81
CA GLU B 44 9.37 -39.56 4.16
C GLU B 44 8.83 -38.79 3.00
N LEU B 45 9.05 -39.31 1.79
CA LEU B 45 8.65 -38.64 0.55
C LEU B 45 7.14 -38.79 0.25
N ASP B 46 6.64 -40.02 0.23
CA ASP B 46 5.19 -40.29 0.05
C ASP B 46 4.34 -39.58 1.12
N ALA B 47 4.95 -39.30 2.29
CA ALA B 47 4.32 -38.55 3.38
C ALA B 47 4.25 -37.06 3.04
N ALA B 48 5.40 -36.50 2.68
CA ALA B 48 5.57 -35.09 2.35
C ALA B 48 4.84 -34.72 1.05
N ASN B 49 4.65 -35.71 0.19
CA ASN B 49 3.94 -35.54 -1.08
C ASN B 49 2.44 -35.46 -0.83
N LYS B 50 2.04 -36.01 0.32
CA LYS B 50 0.65 -35.98 0.75
C LYS B 50 0.38 -34.77 1.61
N THR B 51 1.39 -34.25 2.33
CA THR B 51 1.18 -32.96 2.99
C THR B 51 1.14 -31.87 1.90
N LEU B 52 1.79 -32.14 0.75
CA LEU B 52 1.65 -31.25 -0.41
C LEU B 52 0.25 -31.32 -1.02
N ALA B 53 -0.19 -32.50 -1.49
CA ALA B 53 -1.49 -32.62 -2.20
C ALA B 53 -2.64 -32.14 -1.31
N ASP B 54 -2.42 -32.24 0.00
CA ASP B 54 -3.31 -31.67 1.01
C ASP B 54 -3.37 -30.17 0.71
N ALA B 55 -2.22 -29.52 0.82
CA ALA B 55 -2.14 -28.09 0.53
C ALA B 55 -2.81 -27.70 -0.77
N ILE B 56 -2.58 -28.46 -1.86
CA ILE B 56 -3.08 -28.04 -3.19
C ILE B 56 -4.61 -28.14 -3.34
N ALA B 57 -5.25 -29.05 -2.61
CA ALA B 57 -6.72 -29.18 -2.66
C ALA B 57 -7.34 -28.04 -1.85
N GLU B 58 -6.77 -27.85 -0.67
CA GLU B 58 -6.97 -26.65 0.15
C GLU B 58 -6.88 -25.37 -0.68
N ILE B 59 -5.88 -25.28 -1.56
CA ILE B 59 -5.78 -24.10 -2.42
C ILE B 59 -7.07 -23.99 -3.22
N LYS B 60 -7.41 -25.09 -3.92
CA LYS B 60 -8.55 -25.10 -4.85
C LYS B 60 -9.89 -24.88 -4.14
N GLN B 61 -9.93 -25.19 -2.85
CA GLN B 61 -11.08 -24.91 -2.00
C GLN B 61 -11.35 -23.40 -1.94
N PHE B 62 -10.39 -22.63 -1.42
CA PHE B 62 -10.51 -21.16 -1.30
C PHE B 62 -9.90 -20.43 -2.52
N ASN B 63 -9.74 -21.15 -3.62
CA ASN B 63 -9.37 -20.54 -4.90
C ASN B 63 -10.46 -19.60 -5.41
N ARG B 64 -11.67 -19.82 -4.93
CA ARG B 64 -12.81 -19.02 -5.36
C ARG B 64 -12.68 -17.60 -4.85
N PHE B 65 -11.90 -17.39 -3.80
CA PHE B 65 -11.70 -16.06 -3.22
C PHE B 65 -10.48 -15.30 -3.80
N ALA B 66 -9.77 -15.91 -4.74
CA ALA B 66 -8.41 -15.45 -5.09
C ALA B 66 -8.32 -14.02 -5.64
N HIS B 67 -9.28 -13.58 -6.48
CA HIS B 67 -9.19 -12.27 -7.15
C HIS B 67 -9.95 -11.16 -6.43
N ASP B 68 -9.96 -11.19 -5.11
CA ASP B 68 -10.88 -10.36 -4.36
C ASP B 68 -10.33 -10.17 -2.95
N PRO B 69 -9.41 -9.24 -2.77
CA PRO B 69 -8.59 -9.18 -1.55
C PRO B 69 -9.32 -8.69 -0.32
N MET B 70 -10.53 -8.17 -0.46
CA MET B 70 -11.30 -7.76 0.73
C MET B 70 -12.05 -8.96 1.36
N ALA B 71 -12.04 -10.12 0.70
CA ALA B 71 -13.01 -11.19 0.97
C ALA B 71 -12.87 -11.98 2.27
N GLY B 72 -11.64 -12.25 2.72
CA GLY B 72 -11.47 -12.86 4.04
C GLY B 72 -11.39 -14.38 4.05
N GLY B 73 -12.10 -15.04 3.14
CA GLY B 73 -11.72 -16.36 2.67
C GLY B 73 -10.47 -16.24 1.79
N HIS B 74 -10.23 -15.02 1.28
CA HIS B 74 -9.06 -14.69 0.47
C HIS B 74 -7.79 -14.88 1.25
N ARG B 75 -7.82 -14.54 2.53
CA ARG B 75 -6.70 -14.83 3.39
C ARG B 75 -6.46 -16.35 3.51
N MET B 76 -7.53 -17.15 3.59
CA MET B 76 -7.39 -18.61 3.65
C MET B 76 -6.64 -19.21 2.45
N TRP B 77 -6.82 -18.60 1.28
CA TRP B 77 -6.05 -18.94 0.07
C TRP B 77 -4.55 -18.55 0.13
N GLN B 78 -4.18 -17.45 0.79
CA GLN B 78 -2.76 -17.09 0.88
C GLN B 78 -2.00 -17.95 1.88
N MET B 79 -2.62 -18.15 3.04
CA MET B 79 -2.20 -19.11 4.05
C MET B 79 -2.01 -20.51 3.44
N ALA B 80 -2.94 -20.91 2.57
CA ALA B 80 -2.88 -22.22 1.90
C ALA B 80 -1.63 -22.38 1.06
N GLY B 81 -1.33 -21.36 0.25
CA GLY B 81 -0.15 -21.36 -0.59
C GLY B 81 1.13 -21.32 0.21
N LEU B 82 1.12 -20.67 1.38
CA LEU B 82 2.37 -20.53 2.10
C LEU B 82 2.72 -21.88 2.59
N LYS B 83 1.69 -22.62 3.00
CA LYS B 83 1.88 -23.94 3.56
C LYS B 83 2.13 -24.98 2.48
N ALA B 84 1.67 -24.68 1.26
CA ALA B 84 1.97 -25.48 0.09
C ALA B 84 3.42 -25.26 -0.36
N GLN B 85 3.92 -24.03 -0.25
CA GLN B 85 5.26 -23.71 -0.73
C GLN B 85 6.31 -24.24 0.25
N ARG B 86 5.93 -24.33 1.51
CA ARG B 86 6.76 -24.91 2.55
C ARG B 86 6.75 -26.40 2.35
N ALA B 87 5.59 -26.92 1.96
CA ALA B 87 5.42 -28.33 1.63
C ALA B 87 6.15 -28.72 0.36
N GLN B 88 6.20 -27.80 -0.61
CA GLN B 88 6.78 -28.05 -1.93
C GLN B 88 8.29 -28.07 -1.79
N THR B 89 8.84 -27.33 -0.84
CA THR B 89 10.28 -27.31 -0.70
C THR B 89 10.68 -28.53 0.14
N ASP B 90 9.71 -29.09 0.85
CA ASP B 90 9.88 -30.33 1.60
C ASP B 90 9.79 -31.59 0.70
N VAL B 91 8.97 -31.49 -0.34
CA VAL B 91 8.88 -32.51 -1.37
C VAL B 91 10.15 -32.53 -2.20
N ASN B 92 10.74 -31.36 -2.46
CA ASN B 92 11.95 -31.25 -3.26
C ASN B 92 13.20 -31.70 -2.49
N ASN B 93 13.21 -31.47 -1.17
CA ASN B 93 14.29 -31.96 -0.30
C ASN B 93 14.24 -33.47 -0.21
N LYS B 94 13.03 -33.99 -0.01
CA LYS B 94 12.81 -35.41 0.20
C LYS B 94 12.92 -36.28 -1.08
N GLN B 95 12.69 -35.66 -2.24
CA GLN B 95 12.81 -36.33 -3.54
C GLN B 95 14.27 -36.39 -3.96
N ALA B 96 15.01 -35.34 -3.65
CA ALA B 96 16.43 -35.31 -3.96
C ALA B 96 17.15 -36.45 -3.19
N ALA B 97 16.69 -36.71 -1.97
CA ALA B 97 17.31 -37.68 -1.08
C ALA B 97 16.92 -39.13 -1.46
N PHE B 98 15.73 -39.28 -2.03
CA PHE B 98 15.21 -40.55 -2.54
C PHE B 98 15.79 -40.86 -3.92
N ASP B 99 16.26 -39.84 -4.59
CA ASP B 99 16.98 -39.98 -5.82
C ASP B 99 18.40 -40.35 -5.49
N ALA B 100 18.89 -39.90 -4.32
CA ALA B 100 20.24 -40.21 -3.85
C ALA B 100 20.32 -41.63 -3.28
N ALA B 101 19.16 -42.17 -2.90
CA ALA B 101 19.04 -43.48 -2.30
C ALA B 101 18.69 -44.53 -3.35
N ALA B 102 18.00 -44.10 -4.41
CA ALA B 102 17.64 -44.97 -5.53
C ALA B 102 18.79 -45.13 -6.55
N LYS B 103 19.72 -44.17 -6.55
CA LYS B 103 20.98 -44.33 -7.29
C LYS B 103 21.92 -45.32 -6.58
N GLU B 104 21.83 -45.41 -5.25
CA GLU B 104 22.74 -46.26 -4.46
C GLU B 104 22.05 -47.58 -4.09
N LYS B 105 20.81 -47.78 -4.55
CA LYS B 105 20.18 -49.12 -4.51
C LYS B 105 20.44 -49.83 -5.83
N SER B 106 20.36 -49.09 -6.93
CA SER B 106 20.66 -49.59 -8.27
C SER B 106 22.14 -49.97 -8.42
N ASP B 107 23.02 -49.09 -7.91
CA ASP B 107 24.48 -49.28 -7.97
C ASP B 107 24.95 -50.45 -7.11
N ALA B 108 24.22 -50.71 -6.01
CA ALA B 108 24.58 -51.74 -5.04
C ALA B 108 23.97 -53.09 -5.39
N ASP B 109 22.86 -53.06 -6.13
CA ASP B 109 22.22 -54.24 -6.68
C ASP B 109 23.04 -54.83 -7.83
N ALA B 110 23.64 -53.95 -8.65
CA ALA B 110 24.48 -54.35 -9.79
C ALA B 110 25.92 -54.67 -9.36
N ALA B 111 26.35 -54.09 -8.24
CA ALA B 111 27.67 -54.36 -7.67
C ALA B 111 27.70 -55.73 -7.01
N LEU B 112 26.65 -56.02 -6.24
CA LEU B 112 26.44 -57.32 -5.63
C LEU B 112 26.29 -58.36 -6.74
N SER B 113 25.48 -58.06 -7.75
CA SER B 113 25.11 -59.06 -8.76
C SER B 113 26.27 -59.52 -9.62
N SER B 114 27.24 -58.64 -9.85
CA SER B 114 28.42 -59.00 -10.63
C SER B 114 29.59 -59.49 -9.70
N ALA B 115 29.50 -59.20 -8.41
CA ALA B 115 30.39 -59.81 -7.42
C ALA B 115 30.03 -61.28 -7.20
N MET B 116 28.78 -61.62 -7.52
CA MET B 116 28.29 -62.99 -7.46
C MET B 116 28.66 -63.78 -8.71
N GLU B 117 28.63 -63.12 -9.87
CA GLU B 117 29.11 -63.71 -11.13
C GLU B 117 30.60 -64.06 -11.03
N SER B 118 31.38 -63.18 -10.42
CA SER B 118 32.81 -63.42 -10.22
C SER B 118 33.02 -64.54 -9.23
N ARG B 119 32.25 -64.50 -8.15
CA ARG B 119 32.26 -65.55 -7.13
C ARG B 119 31.93 -66.94 -7.70
N LYS B 120 31.02 -67.00 -8.68
CA LYS B 120 30.60 -68.24 -9.32
C LYS B 120 31.67 -68.78 -10.29
N LYS B 121 32.44 -67.89 -10.91
CA LYS B 121 33.58 -68.26 -11.76
C LYS B 121 34.74 -68.79 -10.92
N LYS B 122 34.91 -68.23 -9.71
CA LYS B 122 36.04 -68.60 -8.85
C LYS B 122 35.72 -69.85 -7.98
N GLU B 123 34.44 -70.24 -7.97
CA GLU B 123 33.98 -71.46 -7.28
C GLU B 123 34.32 -72.66 -8.15
N ASP B 124 34.18 -72.48 -9.46
CA ASP B 124 34.81 -73.37 -10.43
C ASP B 124 36.20 -73.68 -9.86
N LYS B 125 36.32 -74.88 -9.30
CA LYS B 125 37.31 -75.22 -8.26
C LYS B 125 38.42 -74.18 -8.07
C1 GP1 C . 21.01 -1.76 -5.29
C2 GP1 C . 22.41 -1.27 -4.92
C3 GP1 C . 23.58 -2.19 -5.28
C4 GP1 C . 23.26 -3.64 -5.76
C5 GP1 C . 21.80 -4.06 -6.07
C6 GP1 C . 21.30 -5.44 -5.56
N2 GP1 C . 22.52 0.09 -5.53
O1 GP1 C . 20.60 -1.07 -6.53
O3 GP1 C . 24.74 -2.13 -4.38
O4 GP1 C . 24.00 -3.82 -6.98
O6 GP1 C . 22.18 -6.08 -4.63
O5 GP1 C . 20.81 -3.10 -5.71
O7B GP1 C . 18.23 -1.65 -7.09
P4B GP1 C . 19.59 -1.52 -7.78
O8B GP1 C . 19.57 -0.34 -8.74
O9B GP1 C . 20.10 -2.80 -8.44
C1 GP1 D . -23.58 3.85 23.10
C2 GP1 D . -22.17 4.37 23.48
C3 GP1 D . -21.03 3.33 23.38
C4 GP1 D . -21.37 1.82 23.07
C5 GP1 D . -22.81 1.42 22.66
C6 GP1 D . -23.26 0.07 23.24
N2 GP1 D . -21.82 5.63 22.78
O1 GP1 D . -23.90 4.53 21.88
O3 GP1 D . -20.19 3.45 24.56
O4 GP1 D . -20.43 1.25 22.13
O6 GP1 D . -24.52 0.14 23.91
O5 GP1 D . -23.82 2.44 22.81
O7B GP1 D . -24.24 2.77 20.01
P4B GP1 D . -23.35 3.95 20.45
O8B GP1 D . -23.47 5.25 19.64
O9B GP1 D . -21.95 3.42 20.74
C1J LIM E . -22.18 6.98 23.28
C2J LIM E . -23.00 7.91 22.31
C3J LIM E . -23.26 9.30 22.97
C4J LIM E . -22.46 10.48 22.39
C5J LIM E . -22.55 11.69 23.33
C6J LIM E . -21.90 12.97 22.80
C7J LIM E . -22.83 13.68 21.81
C8J LIM E . -22.22 14.99 21.31
C9J LIM E . -23.16 15.68 20.32
C0X LIM E . -22.38 16.62 19.40
C1X LIM E . -23.19 16.98 18.17
C2X LIM E . -24.00 18.25 18.49
C3X LIM E . -24.63 18.92 17.29
C4X LIM E . -23.67 19.13 16.12
C5X LIM E . -22.36 19.73 16.62
O1J LIM E . -21.01 7.72 23.65
O2J LIM E . -24.64 9.64 22.87
N1 LDA F . 18.78 6.50 9.56
O1 LDA F . 19.92 6.88 9.18
CM1 LDA F . 18.14 5.92 8.35
CM2 LDA F . 18.99 5.46 10.62
C1 LDA F . 17.92 7.60 10.05
C2 LDA F . 18.62 8.35 11.20
C3 LDA F . 17.73 8.53 12.43
C4 LDA F . 18.56 9.14 13.55
C5 LDA F . 17.68 9.51 14.75
C6 LDA F . 18.39 10.38 15.81
C7 LDA F . 17.46 10.65 17.00
C8 LDA F . 16.37 11.69 16.76
C9 LDA F . 15.99 12.32 18.09
C10 LDA F . 14.59 12.93 18.01
C11 LDA F . 14.39 13.86 19.20
C12 LDA F . 13.00 14.53 19.23
N1 LDA G . 9.66 3.50 19.69
O1 LDA G . 9.69 4.28 20.69
CM1 LDA G . 10.94 2.71 19.73
CM2 LDA G . 8.47 2.61 19.81
C1 LDA G . 9.56 4.38 18.53
C2 LDA G . 9.17 5.78 18.99
C3 LDA G . 10.41 6.64 19.27
C4 LDA G . 10.05 8.08 18.96
C5 LDA G . 11.02 9.10 19.53
C6 LDA G . 10.44 10.51 19.37
C7 LDA G . 9.69 11.01 20.59
C8 LDA G . 10.65 11.11 21.76
C9 LDA G . 10.21 12.21 22.69
C10 LDA G . 8.98 11.84 23.50
C11 LDA G . 9.38 11.50 24.93
C12 LDA G . 8.20 10.86 25.65
N1 LDA H . 5.07 3.48 21.10
O1 LDA H . 6.13 4.20 21.00
CM1 LDA H . 4.32 3.60 19.82
CM2 LDA H . 5.50 2.07 21.30
C1 LDA H . 4.29 3.88 22.28
C2 LDA H . 3.36 5.06 21.99
C3 LDA H . 2.80 5.51 23.32
C4 LDA H . 2.13 6.87 23.20
C5 LDA H . 1.18 7.07 24.36
C6 LDA H . 1.03 8.56 24.69
C7 LDA H . -0.42 9.01 24.66
C8 LDA H . -0.52 10.40 25.28
C9 LDA H . -1.97 10.88 25.30
C10 LDA H . -2.10 12.40 25.27
C11 LDA H . -1.75 13.02 26.63
C12 LDA H . -2.91 13.84 27.22
N1 LDA I . 20.99 3.39 -12.28
O1 LDA I . 19.88 4.01 -12.16
CM1 LDA I . 20.97 2.06 -11.61
CM2 LDA I . 21.13 3.10 -13.72
C1 LDA I . 22.11 4.15 -11.71
C2 LDA I . 21.63 5.35 -10.88
C3 LDA I . 22.75 5.85 -9.97
C4 LDA I . 22.71 7.36 -9.88
C5 LDA I . 23.73 7.91 -8.88
C6 LDA I . 24.13 9.36 -9.21
C7 LDA I . 23.97 10.30 -8.02
C8 LDA I . 23.64 11.77 -8.32
C9 LDA I . 22.74 11.91 -9.53
C10 LDA I . 22.44 13.35 -9.84
C11 LDA I . 21.57 14.01 -8.78
C12 LDA I . 22.25 15.32 -8.39
N1 LDA J . 18.06 30.35 -21.36
O1 LDA J . 16.99 30.88 -20.90
CM1 LDA J . 18.19 30.85 -22.76
CM2 LDA J . 19.20 30.84 -20.49
C1 LDA J . 17.97 28.85 -21.33
C2 LDA J . 16.51 28.37 -21.45
C3 LDA J . 16.42 26.84 -21.53
C4 LDA J . 15.47 26.18 -20.51
C5 LDA J . 15.01 24.82 -21.07
C6 LDA J . 14.44 23.82 -20.06
C7 LDA J . 12.92 23.71 -20.22
C8 LDA J . 12.29 22.46 -19.59
C9 LDA J . 11.50 21.64 -20.62
C10 LDA J . 10.87 20.34 -20.05
C11 LDA J . 11.93 19.19 -19.94
C12 LDA J . 11.60 18.03 -18.96
N1 LDA K . 26.81 26.18 -2.35
O1 LDA K . 26.58 26.63 -3.52
CM1 LDA K . 28.25 26.26 -1.96
CM2 LDA K . 26.05 26.99 -1.39
C1 LDA K . 26.46 24.74 -2.26
C2 LDA K . 25.15 24.45 -2.97
C3 LDA K . 24.60 23.17 -2.34
C4 LDA K . 23.55 22.53 -3.23
C5 LDA K . 24.04 21.21 -3.72
C6 LDA K . 23.62 21.07 -5.14
C7 LDA K . 24.36 19.94 -5.81
C8 LDA K . 23.71 19.71 -7.18
C9 LDA K . 24.70 19.06 -8.15
C10 LDA K . 23.85 18.27 -9.11
C11 LDA K . 24.67 17.58 -10.16
C12 LDA K . 25.61 16.56 -9.54
N1 LDA L . 30.15 25.51 1.85
O1 LDA L . 29.09 25.91 1.22
CM1 LDA L . 31.32 26.43 1.61
CM2 LDA L . 29.82 25.49 3.31
C1 LDA L . 30.56 24.17 1.46
C2 LDA L . 30.36 24.00 -0.03
C3 LDA L . 30.66 22.55 -0.43
C4 LDA L . 29.51 21.62 -0.03
C5 LDA L . 28.73 21.18 -1.25
C6 LDA L . 28.33 19.72 -1.12
C7 LDA L . 27.01 19.54 -0.42
C8 LDA L . 26.39 18.27 -0.97
C9 LDA L . 25.26 17.77 -0.08
C10 LDA L . 24.02 18.61 -0.31
C11 LDA L . 22.95 18.20 0.68
C12 LDA L . 21.74 19.09 0.55
C2 AAE M . 24.73 -2.58 -3.04
O3 AAE M . 23.77 -1.68 -2.46
C4 AAE M . 25.21 -4.03 -3.06
C5 AAE M . 25.95 -4.62 -1.84
O8 AAE M . 25.11 -4.53 -0.68
C9 AAE M . 27.31 -3.97 -1.57
C1J LIM N . 23.58 1.03 -5.93
C2J LIM N . 22.82 2.37 -6.13
C3J LIM N . 23.58 3.64 -5.75
C4J LIM N . 22.67 4.54 -4.92
C5J LIM N . 23.15 5.98 -4.95
C6J LIM N . 22.48 6.82 -3.88
C7J LIM N . 22.75 8.31 -4.10
C8J LIM N . 23.47 8.95 -2.91
C9J LIM N . 24.20 10.26 -3.29
C0X LIM N . 24.68 10.99 -2.04
C1X LIM N . 26.14 11.46 -2.11
C2X LIM N . 26.32 12.96 -2.46
C3X LIM N . 26.08 13.93 -1.29
C4X LIM N . 27.22 13.96 -0.26
C5X LIM N . 26.75 14.27 1.17
O1J LIM N . 24.23 0.85 -7.18
O2J LIM N . 24.77 3.38 -5.00
C1 GOL O . -6.26 -4.87 -7.45
O1 GOL O . -7.23 -4.01 -6.88
C2 GOL O . -4.98 -4.84 -6.58
O2 GOL O . -4.67 -3.49 -6.39
C3 GOL O . -3.77 -5.58 -7.20
O3 GOL O . -3.46 -5.11 -8.50
C1 GOL P . 3.46 17.91 14.50
O1 GOL P . 2.69 18.46 15.54
C2 GOL P . 3.50 16.39 14.69
O2 GOL P . 4.81 15.88 14.38
C3 GOL P . 2.34 15.62 13.96
O3 GOL P . 2.00 16.06 12.65
C1 GOL Q . -0.61 25.88 4.25
O1 GOL Q . -0.23 24.57 3.74
C2 GOL Q . -0.85 26.84 3.07
O2 GOL Q . -1.54 26.21 2.03
C3 GOL Q . 0.45 27.43 2.51
O3 GOL Q . 0.28 28.83 2.51
C1 GOL R . 22.33 30.35 -5.47
O1 GOL R . 21.76 31.63 -5.33
C2 GOL R . 22.29 29.83 -4.08
O2 GOL R . 21.42 30.68 -3.42
C3 GOL R . 23.64 29.92 -3.40
O3 GOL R . 24.73 30.07 -4.29
C1 GOL S . 8.25 -8.13 19.64
O1 GOL S . 7.50 -7.44 18.64
C2 GOL S . 9.43 -7.27 20.15
O2 GOL S . 9.52 -6.01 19.50
C3 GOL S . 10.79 -8.00 20.05
O3 GOL S . 10.69 -9.25 20.71
C1 GOL T . 13.76 -0.64 -20.99
O1 GOL T . 15.03 -1.29 -20.99
C2 GOL T . 13.81 0.91 -20.99
O2 GOL T . 14.65 1.36 -19.97
C3 GOL T . 12.44 1.54 -20.76
O3 GOL T . 11.34 0.91 -21.41
C1 GOL U . -32.24 10.12 -0.54
O1 GOL U . -31.83 10.64 -1.80
C2 GOL U . -31.11 9.43 0.28
O2 GOL U . -30.37 8.46 -0.46
C3 GOL U . -31.71 8.74 1.51
O3 GOL U . -31.85 9.58 2.66
C1 GOL V . -7.19 30.21 29.80
O1 GOL V . -7.46 29.00 30.47
C2 GOL V . -8.51 30.81 29.35
O2 GOL V . -9.23 29.82 28.66
C3 GOL V . -8.30 32.05 28.46
O3 GOL V . -7.27 32.88 29.00
#